data_2EMK
#
_entry.id   2EMK
#
loop_
_entity.id
_entity.type
_entity.pdbx_description
1 polymer 'Zinc finger protein 28 homolog'
2 non-polymer 'ZINC ION'
#
_entity_poly.entity_id   1
_entity_poly.type   'polypeptide(L)'
_entity_poly.pdbx_seq_one_letter_code
;GSSGSSGTGEKPYECKECGKAFSQTTHLIQHQRVHTGEKPSGPSSG
;
_entity_poly.pdbx_strand_id   A
#
loop_
_chem_comp.id
_chem_comp.type
_chem_comp.name
_chem_comp.formula
ZN non-polymer 'ZINC ION' 'Zn 2'
#
# COMPACT_ATOMS: atom_id res chain seq x y z
N GLY A 1 -21.46 -2.25 14.85
CA GLY A 1 -21.89 -2.54 13.49
C GLY A 1 -21.15 -1.70 12.47
N SER A 2 -20.20 -2.32 11.77
CA SER A 2 -19.41 -1.61 10.75
C SER A 2 -18.51 -0.57 11.40
N SER A 3 -17.90 -0.93 12.52
CA SER A 3 -17.02 -0.02 13.24
C SER A 3 -15.61 -0.06 12.66
N GLY A 4 -15.10 -1.27 12.43
CA GLY A 4 -13.77 -1.42 11.87
C GLY A 4 -12.69 -0.94 12.82
N SER A 5 -11.70 -0.22 12.28
CA SER A 5 -10.60 0.29 13.10
C SER A 5 -10.18 -0.74 14.15
N SER A 6 -10.10 -2.00 13.74
CA SER A 6 -9.71 -3.07 14.64
C SER A 6 -8.51 -3.84 14.09
N GLY A 7 -7.37 -3.69 14.76
CA GLY A 7 -6.16 -4.36 14.33
C GLY A 7 -6.05 -5.77 14.89
N THR A 8 -7.16 -6.50 14.89
CA THR A 8 -7.20 -7.86 15.41
C THR A 8 -5.93 -8.62 15.03
N GLY A 9 -5.52 -8.49 13.76
CA GLY A 9 -4.34 -9.17 13.30
C GLY A 9 -3.55 -8.35 12.29
N GLU A 10 -4.13 -8.15 11.12
CA GLU A 10 -3.49 -7.37 10.06
C GLU A 10 -2.74 -6.17 10.65
N LYS A 11 -1.58 -5.86 10.08
CA LYS A 11 -0.78 -4.73 10.55
C LYS A 11 -1.52 -3.42 10.34
N PRO A 12 -1.25 -2.45 11.22
CA PRO A 12 -1.88 -1.11 11.15
C PRO A 12 -1.38 -0.31 9.96
N TYR A 13 -0.50 -0.90 9.17
CA TYR A 13 0.05 -0.24 7.99
C TYR A 13 -0.40 -0.93 6.71
N GLU A 14 -1.28 -0.26 5.97
CA GLU A 14 -1.79 -0.81 4.72
C GLU A 14 -1.93 0.28 3.66
N CYS A 15 -1.46 -0.01 2.45
CA CYS A 15 -1.52 0.95 1.36
C CYS A 15 -2.97 1.24 0.97
N LYS A 16 -3.33 2.51 0.95
CA LYS A 16 -4.68 2.92 0.60
C LYS A 16 -4.79 3.25 -0.88
N GLU A 17 -3.89 2.68 -1.67
CA GLU A 17 -3.88 2.91 -3.11
C GLU A 17 -4.14 1.62 -3.87
N CYS A 18 -3.60 0.51 -3.36
CA CYS A 18 -3.77 -0.79 -3.99
C CYS A 18 -4.30 -1.82 -2.99
N GLY A 19 -3.75 -1.78 -1.78
CA GLY A 19 -4.18 -2.71 -0.74
C GLY A 19 -3.08 -3.68 -0.35
N LYS A 20 -2.06 -3.16 0.34
CA LYS A 20 -0.94 -3.99 0.78
C LYS A 20 -0.55 -3.64 2.21
N ALA A 21 -0.54 -4.65 3.08
CA ALA A 21 -0.18 -4.46 4.48
C ALA A 21 1.27 -4.86 4.73
N PHE A 22 2.00 -4.00 5.42
CA PHE A 22 3.40 -4.26 5.74
C PHE A 22 3.64 -4.28 7.24
N SER A 23 4.69 -4.97 7.66
CA SER A 23 5.02 -5.08 9.08
C SER A 23 6.10 -4.05 9.46
N GLN A 24 6.22 -3.01 8.66
CA GLN A 24 7.21 -1.96 8.91
C GLN A 24 6.79 -0.64 8.27
N THR A 25 6.61 0.38 9.09
CA THR A 25 6.22 1.69 8.61
C THR A 25 7.09 2.14 7.44
N THR A 26 8.39 1.89 7.55
CA THR A 26 9.33 2.27 6.51
C THR A 26 9.04 1.53 5.21
N HIS A 27 8.51 0.31 5.33
CA HIS A 27 8.18 -0.49 4.16
C HIS A 27 7.03 0.13 3.37
N LEU A 28 6.00 0.58 4.09
CA LEU A 28 4.85 1.19 3.46
C LEU A 28 5.24 2.45 2.70
N ILE A 29 6.05 3.29 3.34
CA ILE A 29 6.51 4.53 2.72
C ILE A 29 7.32 4.24 1.46
N GLN A 30 8.10 3.17 1.50
CA GLN A 30 8.93 2.79 0.35
C GLN A 30 8.06 2.30 -0.81
N HIS A 31 7.12 1.43 -0.50
CA HIS A 31 6.23 0.88 -1.52
C HIS A 31 5.58 2.00 -2.33
N GLN A 32 5.12 3.04 -1.64
CA GLN A 32 4.49 4.18 -2.31
C GLN A 32 5.29 4.61 -3.53
N ARG A 33 6.61 4.43 -3.47
CA ARG A 33 7.48 4.80 -4.58
C ARG A 33 6.94 4.26 -5.91
N VAL A 34 6.50 3.01 -5.89
CA VAL A 34 5.96 2.38 -7.09
C VAL A 34 4.73 3.12 -7.59
N HIS A 35 4.02 3.77 -6.67
CA HIS A 35 2.82 4.52 -7.02
C HIS A 35 3.17 5.92 -7.50
N THR A 36 4.31 6.44 -7.03
CA THR A 36 4.76 7.77 -7.41
C THR A 36 6.02 7.70 -8.27
N GLY A 37 5.95 6.92 -9.34
CA GLY A 37 7.10 6.78 -10.23
C GLY A 37 6.80 5.89 -11.42
N GLU A 38 5.73 6.21 -12.14
CA GLU A 38 5.33 5.44 -13.31
C GLU A 38 5.14 6.35 -14.52
N LYS A 39 5.04 5.75 -15.70
CA LYS A 39 4.85 6.50 -16.93
C LYS A 39 3.42 6.35 -17.45
N PRO A 40 2.49 7.14 -16.88
CA PRO A 40 1.08 7.11 -17.27
C PRO A 40 0.85 7.69 -18.66
N SER A 41 0.35 6.86 -19.57
CA SER A 41 0.09 7.29 -20.94
C SER A 41 -0.42 8.73 -20.96
N GLY A 42 0.26 9.58 -21.74
CA GLY A 42 -0.14 10.97 -21.84
C GLY A 42 0.19 11.76 -20.59
N PRO A 43 1.50 11.89 -20.29
CA PRO A 43 1.97 12.61 -19.11
C PRO A 43 1.75 14.12 -19.23
N SER A 44 0.72 14.62 -18.55
CA SER A 44 0.39 16.04 -18.59
C SER A 44 1.11 16.79 -17.47
N SER A 45 0.96 16.30 -16.24
CA SER A 45 1.59 16.92 -15.09
C SER A 45 1.81 15.90 -13.97
N GLY A 46 2.47 16.33 -12.90
CA GLY A 46 2.72 15.45 -11.77
C GLY A 46 4.16 14.97 -11.74
ZN ZN B . 0.20 0.32 -2.98
N GLY A 1 -16.34 -18.15 1.68
CA GLY A 1 -15.18 -17.59 2.36
C GLY A 1 -14.93 -18.24 3.70
N SER A 2 -14.00 -17.68 4.46
CA SER A 2 -13.66 -18.20 5.78
C SER A 2 -12.95 -17.14 6.62
N SER A 3 -13.16 -17.20 7.94
CA SER A 3 -12.55 -16.24 8.85
C SER A 3 -12.29 -16.89 10.21
N GLY A 4 -11.12 -16.63 10.77
CA GLY A 4 -10.77 -17.19 12.07
C GLY A 4 -9.75 -16.35 12.81
N SER A 5 -9.58 -16.62 14.10
CA SER A 5 -8.63 -15.89 14.92
C SER A 5 -7.67 -16.83 15.63
N SER A 6 -6.63 -17.26 14.92
CA SER A 6 -5.65 -18.17 15.49
C SER A 6 -4.26 -17.52 15.49
N GLY A 7 -4.21 -16.25 15.88
CA GLY A 7 -2.95 -15.54 15.93
C GLY A 7 -3.00 -14.22 15.18
N THR A 8 -2.46 -13.17 15.81
CA THR A 8 -2.45 -11.84 15.20
C THR A 8 -1.76 -11.88 13.84
N GLY A 9 -2.11 -10.92 12.98
CA GLY A 9 -1.52 -10.85 11.66
C GLY A 9 -1.69 -9.49 11.01
N GLU A 10 -2.91 -8.98 11.03
CA GLU A 10 -3.21 -7.68 10.44
C GLU A 10 -2.23 -6.62 10.94
N LYS A 11 -1.97 -5.62 10.11
CA LYS A 11 -1.05 -4.54 10.47
C LYS A 11 -1.71 -3.18 10.28
N PRO A 12 -1.39 -2.23 11.18
CA PRO A 12 -1.93 -0.87 11.13
C PRO A 12 -1.40 -0.07 9.95
N TYR A 13 -0.56 -0.71 9.14
CA TYR A 13 0.02 -0.06 7.97
C TYR A 13 -0.41 -0.75 6.69
N GLU A 14 -1.19 -0.05 5.88
CA GLU A 14 -1.67 -0.60 4.61
C GLU A 14 -1.64 0.46 3.51
N CYS A 15 -1.30 0.03 2.29
CA CYS A 15 -1.23 0.93 1.16
C CYS A 15 -2.63 1.29 0.65
N LYS A 16 -2.93 2.58 0.62
CA LYS A 16 -4.24 3.05 0.15
C LYS A 16 -4.22 3.26 -1.37
N GLU A 17 -3.29 2.60 -2.04
CA GLU A 17 -3.18 2.72 -3.49
C GLU A 17 -3.49 1.39 -4.17
N CYS A 18 -3.14 0.29 -3.50
CA CYS A 18 -3.39 -1.04 -4.04
C CYS A 18 -4.03 -1.94 -2.99
N GLY A 19 -3.53 -1.86 -1.76
CA GLY A 19 -4.07 -2.67 -0.68
C GLY A 19 -3.07 -3.68 -0.15
N LYS A 20 -1.90 -3.19 0.24
CA LYS A 20 -0.85 -4.06 0.77
C LYS A 20 -0.41 -3.60 2.16
N ALA A 21 -0.40 -4.54 3.11
CA ALA A 21 0.00 -4.23 4.47
C ALA A 21 1.45 -4.62 4.72
N PHE A 22 2.17 -3.77 5.45
CA PHE A 22 3.57 -4.02 5.75
C PHE A 22 3.81 -3.97 7.26
N SER A 23 4.47 -5.00 7.78
CA SER A 23 4.77 -5.08 9.21
C SER A 23 5.42 -3.79 9.70
N GLN A 24 6.36 -3.28 8.91
CA GLN A 24 7.08 -2.06 9.27
C GLN A 24 6.63 -0.90 8.39
N THR A 25 6.64 0.31 8.95
CA THR A 25 6.23 1.51 8.22
C THR A 25 7.15 1.76 7.03
N THR A 26 8.46 1.80 7.29
CA THR A 26 9.44 2.04 6.25
C THR A 26 9.12 1.21 5.00
N HIS A 27 8.59 0.01 5.21
CA HIS A 27 8.23 -0.87 4.10
C HIS A 27 7.12 -0.27 3.25
N LEU A 28 6.12 0.31 3.93
CA LEU A 28 4.99 0.91 3.25
C LEU A 28 5.40 2.24 2.59
N ILE A 29 5.98 3.13 3.39
CA ILE A 29 6.41 4.43 2.88
C ILE A 29 7.18 4.27 1.58
N GLN A 30 8.08 3.30 1.53
CA GLN A 30 8.89 3.05 0.35
C GLN A 30 8.03 2.47 -0.78
N HIS A 31 7.17 1.51 -0.42
CA HIS A 31 6.30 0.87 -1.39
C HIS A 31 5.44 1.89 -2.11
N GLN A 32 5.00 2.92 -1.38
CA GLN A 32 4.16 3.97 -1.95
C GLN A 32 4.87 4.66 -3.11
N ARG A 33 6.17 4.41 -3.24
CA ARG A 33 6.97 5.01 -4.30
C ARG A 33 6.57 4.44 -5.66
N VAL A 34 6.09 3.19 -5.66
CA VAL A 34 5.69 2.53 -6.89
C VAL A 34 4.39 3.14 -7.43
N HIS A 35 3.67 3.83 -6.56
CA HIS A 35 2.41 4.46 -6.96
C HIS A 35 2.62 5.93 -7.28
N THR A 36 3.72 6.49 -6.79
CA THR A 36 4.04 7.89 -7.03
C THR A 36 5.00 8.05 -8.20
N GLY A 37 5.68 6.96 -8.56
CA GLY A 37 6.62 6.99 -9.66
C GLY A 37 6.00 7.53 -10.93
N GLU A 38 4.71 7.25 -11.13
CA GLU A 38 4.00 7.71 -12.31
C GLU A 38 3.17 8.95 -12.01
N LYS A 39 3.57 10.09 -12.58
CA LYS A 39 2.86 11.34 -12.37
C LYS A 39 1.59 11.40 -13.20
N PRO A 40 0.54 12.01 -12.65
CA PRO A 40 -0.75 12.15 -13.34
C PRO A 40 -0.69 13.11 -14.51
N SER A 41 0.37 13.92 -14.54
CA SER A 41 0.56 14.90 -15.61
C SER A 41 1.96 14.81 -16.19
N GLY A 42 2.21 15.59 -17.24
CA GLY A 42 3.51 15.58 -17.88
C GLY A 42 4.25 16.90 -17.70
N PRO A 43 4.77 17.13 -16.48
CA PRO A 43 5.50 18.35 -16.15
C PRO A 43 6.86 18.42 -16.86
N SER A 44 7.62 17.34 -16.77
CA SER A 44 8.93 17.27 -17.39
C SER A 44 9.33 15.83 -17.69
N SER A 45 10.53 15.65 -18.23
CA SER A 45 11.03 14.32 -18.57
C SER A 45 10.62 13.30 -17.51
N GLY A 46 9.93 12.25 -17.93
CA GLY A 46 9.49 11.22 -17.01
C GLY A 46 10.48 10.07 -16.92
ZN ZN B . 0.59 -0.12 -3.10
N GLY A 1 -27.56 -12.38 5.36
CA GLY A 1 -26.11 -12.42 5.33
C GLY A 1 -25.51 -11.25 4.58
N SER A 2 -24.85 -10.35 5.32
CA SER A 2 -24.24 -9.18 4.72
C SER A 2 -22.74 -9.39 4.53
N SER A 3 -22.32 -9.51 3.27
CA SER A 3 -20.92 -9.73 2.95
C SER A 3 -20.16 -8.40 2.91
N GLY A 4 -19.08 -8.32 3.69
CA GLY A 4 -18.29 -7.11 3.73
C GLY A 4 -16.80 -7.38 3.59
N SER A 5 -16.16 -7.73 4.71
CA SER A 5 -14.73 -8.01 4.70
C SER A 5 -14.46 -9.47 5.08
N SER A 6 -13.96 -10.23 4.12
CA SER A 6 -13.67 -11.65 4.35
C SER A 6 -12.18 -11.92 4.17
N GLY A 7 -11.35 -11.03 4.68
CA GLY A 7 -9.91 -11.19 4.57
C GLY A 7 -9.19 -9.88 4.29
N THR A 8 -8.47 -9.39 5.30
CA THR A 8 -7.74 -8.13 5.16
C THR A 8 -6.50 -8.12 6.05
N GLY A 9 -5.45 -7.44 5.59
CA GLY A 9 -4.22 -7.37 6.35
C GLY A 9 -4.45 -6.88 7.78
N GLU A 10 -4.05 -7.69 8.75
CA GLU A 10 -4.22 -7.33 10.15
C GLU A 10 -3.09 -6.41 10.63
N LYS A 11 -2.26 -5.98 9.67
CA LYS A 11 -1.15 -5.09 10.00
C LYS A 11 -1.63 -3.66 10.24
N PRO A 12 -0.99 -2.98 11.19
CA PRO A 12 -1.33 -1.61 11.55
C PRO A 12 -0.98 -0.60 10.44
N TYR A 13 -0.48 -1.13 9.33
CA TYR A 13 -0.09 -0.28 8.20
C TYR A 13 -0.50 -0.92 6.88
N GLU A 14 -1.14 -0.14 6.02
CA GLU A 14 -1.58 -0.64 4.71
C GLU A 14 -1.77 0.51 3.74
N CYS A 15 -1.52 0.24 2.47
CA CYS A 15 -1.66 1.25 1.42
C CYS A 15 -3.12 1.40 1.01
N LYS A 16 -3.66 2.60 1.17
CA LYS A 16 -5.04 2.88 0.81
C LYS A 16 -5.16 3.31 -0.64
N GLU A 17 -4.28 2.77 -1.49
CA GLU A 17 -4.28 3.10 -2.91
C GLU A 17 -4.38 1.84 -3.75
N CYS A 18 -3.80 0.74 -3.27
CA CYS A 18 -3.83 -0.52 -3.97
C CYS A 18 -4.22 -1.67 -3.05
N GLY A 19 -3.68 -1.63 -1.83
CA GLY A 19 -3.98 -2.68 -0.87
C GLY A 19 -2.77 -3.52 -0.52
N LYS A 20 -1.78 -2.92 0.11
CA LYS A 20 -0.56 -3.63 0.49
C LYS A 20 -0.19 -3.32 1.94
N ALA A 21 -0.16 -4.37 2.76
CA ALA A 21 0.18 -4.23 4.17
C ALA A 21 1.65 -4.54 4.41
N PHE A 22 2.29 -3.74 5.26
CA PHE A 22 3.70 -3.93 5.58
C PHE A 22 3.91 -4.02 7.09
N SER A 23 4.64 -5.03 7.53
CA SER A 23 4.91 -5.24 8.93
C SER A 23 5.44 -3.96 9.57
N GLN A 24 6.32 -3.27 8.86
CA GLN A 24 6.90 -2.03 9.35
C GLN A 24 6.38 -0.83 8.56
N THR A 25 6.38 0.34 9.18
CA THR A 25 5.91 1.57 8.54
C THR A 25 6.81 1.95 7.37
N THR A 26 8.11 2.03 7.64
CA THR A 26 9.08 2.39 6.61
C THR A 26 8.85 1.59 5.34
N HIS A 27 8.56 0.30 5.49
CA HIS A 27 8.32 -0.57 4.35
C HIS A 27 7.19 -0.02 3.47
N LEU A 28 6.12 0.45 4.10
CA LEU A 28 4.99 1.01 3.38
C LEU A 28 5.38 2.30 2.68
N ILE A 29 5.91 3.24 3.44
CA ILE A 29 6.32 4.53 2.88
C ILE A 29 7.13 4.35 1.60
N GLN A 30 7.98 3.33 1.59
CA GLN A 30 8.81 3.04 0.42
C GLN A 30 7.96 2.47 -0.71
N HIS A 31 7.04 1.59 -0.36
CA HIS A 31 6.17 0.96 -1.35
C HIS A 31 5.52 2.02 -2.24
N GLN A 32 5.20 3.16 -1.65
CA GLN A 32 4.56 4.26 -2.38
C GLN A 32 5.34 4.57 -3.66
N ARG A 33 6.59 4.13 -3.71
CA ARG A 33 7.44 4.37 -4.87
C ARG A 33 6.83 3.75 -6.13
N VAL A 34 6.30 2.54 -5.99
CA VAL A 34 5.69 1.85 -7.12
C VAL A 34 4.54 2.66 -7.70
N HIS A 35 4.04 3.61 -6.93
CA HIS A 35 2.94 4.47 -7.38
C HIS A 35 3.48 5.76 -7.98
N THR A 36 4.75 6.05 -7.73
CA THR A 36 5.38 7.25 -8.23
C THR A 36 6.48 6.92 -9.24
N GLY A 37 6.25 5.88 -10.03
CA GLY A 37 7.24 5.47 -11.02
C GLY A 37 6.62 5.22 -12.38
N GLU A 38 5.52 5.91 -12.67
CA GLU A 38 4.83 5.76 -13.95
C GLU A 38 4.19 7.08 -14.39
N LYS A 39 4.13 7.28 -15.70
CA LYS A 39 3.56 8.50 -16.26
C LYS A 39 2.38 8.97 -15.42
N PRO A 40 2.23 10.30 -15.30
CA PRO A 40 1.15 10.92 -14.53
C PRO A 40 -0.21 10.72 -15.19
N SER A 41 -0.26 10.92 -16.50
CA SER A 41 -1.50 10.77 -17.25
C SER A 41 -2.68 11.39 -16.49
N GLY A 42 -2.42 12.53 -15.86
CA GLY A 42 -3.46 13.22 -15.11
C GLY A 42 -3.14 14.67 -14.86
N PRO A 43 -4.18 15.51 -14.72
CA PRO A 43 -4.03 16.94 -14.49
C PRO A 43 -3.49 17.24 -13.09
N SER A 44 -4.06 16.58 -12.09
CA SER A 44 -3.64 16.77 -10.70
C SER A 44 -3.56 15.44 -9.96
N SER A 45 -2.88 15.45 -8.81
CA SER A 45 -2.73 14.24 -8.01
C SER A 45 -2.51 14.59 -6.55
N GLY A 46 -2.67 13.59 -5.68
CA GLY A 46 -2.49 13.81 -4.26
C GLY A 46 -3.64 13.25 -3.44
ZN ZN B . 0.00 0.84 -2.97
N GLY A 1 -16.53 0.63 7.02
CA GLY A 1 -16.48 -0.32 5.93
C GLY A 1 -16.71 -1.75 6.38
N SER A 2 -15.64 -2.47 6.66
CA SER A 2 -15.75 -3.86 7.10
C SER A 2 -16.79 -4.61 6.28
N SER A 3 -16.79 -4.38 4.98
CA SER A 3 -17.74 -5.02 4.08
C SER A 3 -17.17 -6.34 3.55
N GLY A 4 -17.97 -7.40 3.62
CA GLY A 4 -17.53 -8.70 3.15
C GLY A 4 -16.51 -9.34 4.07
N SER A 5 -16.82 -10.53 4.57
CA SER A 5 -15.92 -11.24 5.47
C SER A 5 -14.48 -11.09 5.02
N SER A 6 -13.63 -10.62 5.92
CA SER A 6 -12.21 -10.42 5.62
C SER A 6 -11.34 -11.17 6.62
N GLY A 7 -11.52 -10.84 7.91
CA GLY A 7 -10.73 -11.48 8.95
C GLY A 7 -10.58 -10.60 10.17
N THR A 8 -9.92 -11.14 11.20
CA THR A 8 -9.70 -10.40 12.44
C THR A 8 -8.23 -10.19 12.70
N GLY A 9 -7.87 -8.98 13.13
CA GLY A 9 -6.48 -8.66 13.41
C GLY A 9 -5.68 -8.37 12.16
N GLU A 10 -5.61 -7.10 11.78
CA GLU A 10 -4.88 -6.70 10.59
C GLU A 10 -3.64 -5.88 10.96
N LYS A 11 -2.90 -5.45 9.95
CA LYS A 11 -1.69 -4.67 10.17
C LYS A 11 -2.01 -3.19 10.32
N PRO A 12 -1.26 -2.50 11.19
CA PRO A 12 -1.46 -1.08 11.44
C PRO A 12 -1.02 -0.21 10.26
N TYR A 13 -0.40 -0.84 9.27
CA TYR A 13 0.06 -0.14 8.08
C TYR A 13 -0.44 -0.83 6.81
N GLU A 14 -1.13 -0.06 5.97
CA GLU A 14 -1.66 -0.59 4.72
C GLU A 14 -1.61 0.45 3.62
N CYS A 15 -1.42 0.00 2.38
CA CYS A 15 -1.33 0.90 1.24
C CYS A 15 -2.73 1.29 0.77
N LYS A 16 -2.97 2.60 0.66
CA LYS A 16 -4.25 3.11 0.22
C LYS A 16 -4.25 3.38 -1.29
N GLU A 17 -3.40 2.65 -2.01
CA GLU A 17 -3.31 2.80 -3.45
C GLU A 17 -3.61 1.48 -4.16
N CYS A 18 -3.20 0.38 -3.54
CA CYS A 18 -3.43 -0.94 -4.10
C CYS A 18 -4.07 -1.87 -3.08
N GLY A 19 -3.59 -1.80 -1.84
CA GLY A 19 -4.13 -2.64 -0.79
C GLY A 19 -3.13 -3.66 -0.29
N LYS A 20 -2.01 -3.19 0.23
CA LYS A 20 -0.97 -4.07 0.74
C LYS A 20 -0.52 -3.64 2.13
N ALA A 21 -0.50 -4.58 3.07
CA ALA A 21 -0.10 -4.30 4.44
C ALA A 21 1.35 -4.71 4.67
N PHE A 22 2.09 -3.87 5.39
CA PHE A 22 3.50 -4.16 5.68
C PHE A 22 3.73 -4.22 7.19
N SER A 23 4.66 -5.08 7.60
CA SER A 23 4.98 -5.23 9.02
C SER A 23 5.52 -3.93 9.60
N GLN A 24 6.37 -3.25 8.83
CA GLN A 24 6.95 -1.99 9.26
C GLN A 24 6.36 -0.81 8.50
N THR A 25 6.35 0.35 9.14
CA THR A 25 5.80 1.55 8.53
C THR A 25 6.72 2.06 7.41
N THR A 26 8.02 1.99 7.65
CA THR A 26 9.00 2.44 6.66
C THR A 26 8.89 1.64 5.37
N HIS A 27 8.49 0.38 5.49
CA HIS A 27 8.34 -0.49 4.33
C HIS A 27 7.22 0.00 3.42
N LEU A 28 6.11 0.42 4.03
CA LEU A 28 4.97 0.92 3.28
C LEU A 28 5.29 2.25 2.62
N ILE A 29 6.18 3.01 3.22
CA ILE A 29 6.58 4.30 2.68
C ILE A 29 7.40 4.14 1.41
N GLN A 30 8.31 3.16 1.41
CA GLN A 30 9.15 2.90 0.25
C GLN A 30 8.35 2.28 -0.88
N HIS A 31 7.37 1.46 -0.52
CA HIS A 31 6.53 0.80 -1.51
C HIS A 31 5.64 1.81 -2.23
N GLN A 32 5.37 2.93 -1.56
CA GLN A 32 4.53 3.99 -2.14
C GLN A 32 5.16 4.54 -3.40
N ARG A 33 6.45 4.29 -3.58
CA ARG A 33 7.17 4.78 -4.75
C ARG A 33 6.56 4.22 -6.03
N VAL A 34 5.96 3.04 -5.93
CA VAL A 34 5.35 2.39 -7.08
C VAL A 34 4.05 3.08 -7.47
N HIS A 35 3.59 3.99 -6.61
CA HIS A 35 2.36 4.72 -6.87
C HIS A 35 2.62 6.21 -7.04
N THR A 36 3.86 6.54 -7.43
CA THR A 36 4.25 7.93 -7.62
C THR A 36 4.91 8.12 -9.00
N GLY A 37 4.29 7.56 -10.02
CA GLY A 37 4.82 7.68 -11.37
C GLY A 37 3.74 7.82 -12.42
N GLU A 38 3.98 7.27 -13.60
CA GLU A 38 3.01 7.34 -14.68
C GLU A 38 2.64 5.94 -15.17
N LYS A 39 1.53 5.41 -14.65
CA LYS A 39 1.07 4.09 -15.02
C LYS A 39 -0.21 4.17 -15.85
N PRO A 40 -0.44 3.14 -16.68
CA PRO A 40 -1.63 3.09 -17.55
C PRO A 40 -2.91 2.87 -16.76
N SER A 41 -2.77 2.66 -15.45
CA SER A 41 -3.92 2.43 -14.58
C SER A 41 -4.21 3.67 -13.73
N GLY A 42 -5.48 3.88 -13.41
CA GLY A 42 -5.87 5.03 -12.60
C GLY A 42 -6.01 4.68 -11.14
N PRO A 43 -6.55 5.62 -10.36
CA PRO A 43 -6.76 5.44 -8.91
C PRO A 43 -7.85 4.41 -8.61
N SER A 44 -8.18 4.27 -7.32
CA SER A 44 -9.20 3.32 -6.90
C SER A 44 -9.85 3.76 -5.59
N SER A 45 -10.91 3.07 -5.21
CA SER A 45 -11.62 3.40 -3.98
C SER A 45 -10.69 3.35 -2.77
N GLY A 46 -11.12 3.95 -1.66
CA GLY A 46 -10.31 3.97 -0.46
C GLY A 46 -10.64 2.82 0.47
ZN ZN B . 0.57 0.04 -3.04
N GLY A 1 -27.78 -7.84 6.43
CA GLY A 1 -26.54 -8.07 7.14
C GLY A 1 -25.36 -8.24 6.20
N SER A 2 -24.15 -8.21 6.74
CA SER A 2 -22.94 -8.36 5.95
C SER A 2 -21.87 -9.12 6.72
N SER A 3 -20.97 -9.77 5.98
CA SER A 3 -19.89 -10.54 6.59
C SER A 3 -18.55 -10.15 6.02
N GLY A 4 -18.48 -10.06 4.69
CA GLY A 4 -17.24 -9.69 4.03
C GLY A 4 -16.19 -10.77 4.12
N SER A 5 -15.57 -11.10 3.00
CA SER A 5 -14.54 -12.13 2.95
C SER A 5 -13.22 -11.57 2.42
N SER A 6 -12.19 -11.63 3.25
CA SER A 6 -10.88 -11.12 2.86
C SER A 6 -9.80 -11.64 3.81
N GLY A 7 -8.75 -12.23 3.24
CA GLY A 7 -7.67 -12.75 4.05
C GLY A 7 -6.60 -11.72 4.33
N THR A 8 -7.02 -10.48 4.58
CA THR A 8 -6.10 -9.39 4.87
C THR A 8 -6.77 -8.30 5.68
N GLY A 9 -5.95 -7.52 6.40
CA GLY A 9 -6.49 -6.45 7.23
C GLY A 9 -6.17 -6.63 8.70
N GLU A 10 -4.96 -7.07 8.99
CA GLU A 10 -4.54 -7.29 10.37
C GLU A 10 -3.20 -6.62 10.65
N LYS A 11 -2.92 -5.54 9.90
CA LYS A 11 -1.67 -4.80 10.06
C LYS A 11 -1.95 -3.34 10.37
N PRO A 12 -1.08 -2.73 11.19
CA PRO A 12 -1.20 -1.32 11.57
C PRO A 12 -0.92 -0.37 10.41
N TYR A 13 -0.38 -0.92 9.33
CA TYR A 13 -0.06 -0.12 8.15
C TYR A 13 -0.52 -0.83 6.88
N GLU A 14 -1.26 -0.10 6.04
CA GLU A 14 -1.77 -0.65 4.79
C GLU A 14 -1.86 0.43 3.72
N CYS A 15 -1.45 0.10 2.51
CA CYS A 15 -1.48 1.04 1.39
C CYS A 15 -2.92 1.33 0.97
N LYS A 16 -3.33 2.59 1.10
CA LYS A 16 -4.68 2.99 0.73
C LYS A 16 -4.75 3.37 -0.75
N GLU A 17 -4.05 2.61 -1.58
CA GLU A 17 -4.03 2.87 -3.02
C GLU A 17 -4.21 1.58 -3.80
N CYS A 18 -3.59 0.50 -3.32
CA CYS A 18 -3.69 -0.79 -3.99
C CYS A 18 -4.19 -1.86 -3.02
N GLY A 19 -3.70 -1.82 -1.78
CA GLY A 19 -4.11 -2.78 -0.78
C GLY A 19 -2.98 -3.70 -0.36
N LYS A 20 -1.92 -3.11 0.18
CA LYS A 20 -0.77 -3.88 0.63
C LYS A 20 -0.35 -3.47 2.04
N ALA A 21 -0.32 -4.44 2.94
CA ALA A 21 0.08 -4.17 4.32
C ALA A 21 1.54 -4.56 4.57
N PHE A 22 2.25 -3.70 5.29
CA PHE A 22 3.66 -3.95 5.59
C PHE A 22 3.88 -4.04 7.10
N SER A 23 4.54 -5.12 7.53
CA SER A 23 4.83 -5.32 8.95
C SER A 23 5.49 -4.09 9.56
N GLN A 24 6.06 -3.25 8.69
CA GLN A 24 6.74 -2.03 9.14
C GLN A 24 6.22 -0.82 8.40
N THR A 25 6.15 0.31 9.09
CA THR A 25 5.67 1.56 8.49
C THR A 25 6.61 2.03 7.39
N THR A 26 7.91 1.96 7.66
CA THR A 26 8.91 2.39 6.70
C THR A 26 8.79 1.60 5.39
N HIS A 27 8.45 0.33 5.51
CA HIS A 27 8.30 -0.54 4.35
C HIS A 27 7.24 0.01 3.39
N LEU A 28 6.17 0.56 3.96
CA LEU A 28 5.09 1.12 3.16
C LEU A 28 5.53 2.40 2.47
N ILE A 29 6.33 3.21 3.16
CA ILE A 29 6.82 4.46 2.61
C ILE A 29 7.52 4.24 1.27
N GLN A 30 8.39 3.22 1.23
CA GLN A 30 9.12 2.91 0.01
C GLN A 30 8.20 2.26 -1.02
N HIS A 31 7.24 1.47 -0.54
CA HIS A 31 6.30 0.79 -1.43
C HIS A 31 5.49 1.80 -2.23
N GLN A 32 5.06 2.86 -1.57
CA GLN A 32 4.27 3.90 -2.23
C GLN A 32 5.03 4.50 -3.41
N ARG A 33 6.36 4.39 -3.37
CA ARG A 33 7.19 4.92 -4.44
C ARG A 33 6.81 4.32 -5.78
N VAL A 34 6.37 3.06 -5.76
CA VAL A 34 5.97 2.37 -6.97
C VAL A 34 4.75 3.03 -7.60
N HIS A 35 3.94 3.67 -6.77
CA HIS A 35 2.74 4.36 -7.25
C HIS A 35 3.08 5.72 -7.84
N THR A 36 4.24 6.25 -7.45
CA THR A 36 4.68 7.55 -7.94
C THR A 36 5.98 7.44 -8.72
N GLY A 37 6.08 6.39 -9.54
CA GLY A 37 7.28 6.18 -10.33
C GLY A 37 6.96 5.88 -11.78
N GLU A 38 5.92 5.09 -12.01
CA GLU A 38 5.52 4.73 -13.37
C GLU A 38 4.30 5.54 -13.81
N LYS A 39 4.36 6.09 -15.01
CA LYS A 39 3.27 6.89 -15.55
C LYS A 39 3.19 6.74 -17.06
N PRO A 40 1.98 6.94 -17.62
CA PRO A 40 1.74 6.84 -19.06
C PRO A 40 2.38 7.99 -19.83
N SER A 41 2.96 8.94 -19.10
CA SER A 41 3.60 10.10 -19.71
C SER A 41 5.07 10.16 -19.34
N GLY A 42 5.74 11.23 -19.76
CA GLY A 42 7.15 11.40 -19.46
C GLY A 42 8.01 11.34 -20.70
N PRO A 43 8.03 12.44 -21.47
CA PRO A 43 8.82 12.55 -22.70
C PRO A 43 10.32 12.60 -22.42
N SER A 44 10.68 13.20 -21.29
CA SER A 44 12.09 13.32 -20.91
C SER A 44 12.23 13.56 -19.41
N SER A 45 13.47 13.62 -18.95
CA SER A 45 13.74 13.85 -17.53
C SER A 45 13.41 15.28 -17.13
N GLY A 46 13.12 15.48 -15.85
CA GLY A 46 12.80 16.81 -15.36
C GLY A 46 11.36 16.92 -14.89
ZN ZN B . 0.37 0.22 -2.86
N GLY A 1 -19.42 -19.50 9.26
CA GLY A 1 -19.36 -20.18 7.97
C GLY A 1 -19.22 -21.69 8.12
N SER A 2 -20.26 -22.33 8.61
CA SER A 2 -20.25 -23.78 8.79
C SER A 2 -19.15 -24.18 9.78
N SER A 3 -19.18 -23.58 10.97
CA SER A 3 -18.19 -23.89 11.99
C SER A 3 -16.78 -23.66 11.47
N GLY A 4 -16.57 -22.54 10.78
CA GLY A 4 -15.26 -22.23 10.23
C GLY A 4 -14.88 -20.78 10.44
N SER A 5 -13.64 -20.55 10.86
CA SER A 5 -13.15 -19.20 11.09
C SER A 5 -11.80 -18.98 10.42
N SER A 6 -11.79 -18.16 9.38
CA SER A 6 -10.56 -17.87 8.65
C SER A 6 -10.15 -16.40 8.81
N GLY A 7 -9.00 -16.04 8.26
CA GLY A 7 -8.52 -14.69 8.35
C GLY A 7 -7.16 -14.59 9.02
N THR A 8 -6.14 -14.33 8.21
CA THR A 8 -4.77 -14.22 8.73
C THR A 8 -4.65 -13.05 9.70
N GLY A 9 -5.16 -11.89 9.30
CA GLY A 9 -5.09 -10.71 10.15
C GLY A 9 -4.80 -9.45 9.36
N GLU A 10 -4.91 -8.30 10.03
CA GLU A 10 -4.65 -7.02 9.39
C GLU A 10 -3.63 -6.21 10.18
N LYS A 11 -2.55 -5.82 9.52
CA LYS A 11 -1.49 -5.04 10.16
C LYS A 11 -1.94 -3.61 10.37
N PRO A 12 -1.26 -2.91 11.29
CA PRO A 12 -1.57 -1.51 11.63
C PRO A 12 -1.21 -0.56 10.50
N TYR A 13 -0.68 -1.12 9.40
CA TYR A 13 -0.28 -0.30 8.25
C TYR A 13 -0.72 -0.97 6.95
N GLU A 14 -1.36 -0.19 6.08
CA GLU A 14 -1.82 -0.71 4.80
C GLU A 14 -1.91 0.41 3.76
N CYS A 15 -1.73 0.06 2.50
CA CYS A 15 -1.80 1.03 1.41
C CYS A 15 -3.20 1.12 0.84
N LYS A 16 -3.93 2.16 1.23
CA LYS A 16 -5.29 2.36 0.75
C LYS A 16 -5.31 2.59 -0.76
N GLU A 17 -4.15 2.86 -1.32
CA GLU A 17 -4.03 3.11 -2.76
C GLU A 17 -4.31 1.83 -3.54
N CYS A 18 -3.52 0.79 -3.28
CA CYS A 18 -3.68 -0.49 -3.96
C CYS A 18 -4.17 -1.56 -3.00
N GLY A 19 -3.57 -1.60 -1.82
CA GLY A 19 -3.95 -2.58 -0.81
C GLY A 19 -2.79 -3.49 -0.42
N LYS A 20 -1.79 -2.91 0.22
CA LYS A 20 -0.63 -3.68 0.66
C LYS A 20 -0.25 -3.33 2.09
N ALA A 21 -0.21 -4.35 2.95
CA ALA A 21 0.14 -4.15 4.36
C ALA A 21 1.60 -4.51 4.61
N PHE A 22 2.24 -3.77 5.50
CA PHE A 22 3.64 -4.01 5.83
C PHE A 22 3.85 -4.00 7.35
N SER A 23 4.65 -4.94 7.84
CA SER A 23 4.93 -5.03 9.27
C SER A 23 5.38 -3.69 9.82
N GLN A 24 6.32 -3.06 9.13
CA GLN A 24 6.84 -1.77 9.56
C GLN A 24 6.34 -0.65 8.65
N THR A 25 6.31 0.57 9.18
CA THR A 25 5.86 1.72 8.42
C THR A 25 6.76 1.98 7.21
N THR A 26 8.06 2.05 7.46
CA THR A 26 9.03 2.29 6.40
C THR A 26 8.74 1.42 5.18
N HIS A 27 8.52 0.13 5.42
CA HIS A 27 8.23 -0.82 4.35
C HIS A 27 7.07 -0.32 3.48
N LEU A 28 6.16 0.42 4.11
CA LEU A 28 5.00 0.97 3.39
C LEU A 28 5.37 2.25 2.66
N ILE A 29 6.38 2.95 3.16
CA ILE A 29 6.84 4.19 2.54
C ILE A 29 7.57 3.92 1.23
N GLN A 30 8.46 2.94 1.25
CA GLN A 30 9.23 2.58 0.07
C GLN A 30 8.32 2.20 -1.08
N HIS A 31 7.37 1.30 -0.81
CA HIS A 31 6.44 0.85 -1.83
C HIS A 31 5.79 2.04 -2.55
N GLN A 32 5.32 3.00 -1.77
CA GLN A 32 4.69 4.20 -2.32
C GLN A 32 5.40 4.64 -3.61
N ARG A 33 6.69 4.34 -3.69
CA ARG A 33 7.48 4.71 -4.86
C ARG A 33 6.79 4.26 -6.15
N VAL A 34 6.35 3.01 -6.17
CA VAL A 34 5.68 2.45 -7.33
C VAL A 34 4.50 3.33 -7.76
N HIS A 35 3.96 4.07 -6.80
CA HIS A 35 2.83 4.96 -7.07
C HIS A 35 3.30 6.31 -7.58
N THR A 36 4.46 6.75 -7.11
CA THR A 36 5.03 8.03 -7.53
C THR A 36 6.09 7.84 -8.60
N GLY A 37 5.66 7.43 -9.79
CA GLY A 37 6.59 7.22 -10.88
C GLY A 37 6.17 6.08 -11.79
N GLU A 38 5.00 6.21 -12.40
CA GLU A 38 4.48 5.19 -13.31
C GLU A 38 4.81 5.52 -14.75
N LYS A 39 5.37 4.55 -15.47
CA LYS A 39 5.74 4.74 -16.86
C LYS A 39 4.89 3.84 -17.76
N PRO A 40 3.67 4.29 -18.06
CA PRO A 40 2.73 3.55 -18.92
C PRO A 40 3.18 3.53 -20.37
N SER A 41 3.51 4.70 -20.90
CA SER A 41 3.96 4.82 -22.29
C SER A 41 2.99 4.08 -23.22
N GLY A 42 1.70 4.23 -22.97
CA GLY A 42 0.71 3.56 -23.80
C GLY A 42 1.06 2.12 -24.09
N PRO A 43 0.49 1.57 -25.18
CA PRO A 43 0.74 0.19 -25.59
C PRO A 43 2.15 -0.01 -26.12
N SER A 44 2.97 -0.71 -25.35
CA SER A 44 4.35 -0.98 -25.74
C SER A 44 4.55 -2.46 -26.05
N SER A 45 4.04 -3.32 -25.18
CA SER A 45 4.16 -4.76 -25.37
C SER A 45 2.81 -5.45 -25.19
N GLY A 46 1.77 -4.84 -25.74
CA GLY A 46 0.43 -5.41 -25.64
C GLY A 46 0.21 -6.11 -24.33
ZN ZN B . 0.14 0.83 -2.89
N GLY A 1 -17.78 -2.20 -4.14
CA GLY A 1 -16.52 -2.10 -4.86
C GLY A 1 -15.37 -1.71 -3.96
N SER A 2 -15.20 -0.42 -3.73
CA SER A 2 -14.12 0.07 -2.88
C SER A 2 -14.64 0.47 -1.51
N SER A 3 -13.72 0.76 -0.59
CA SER A 3 -14.08 1.14 0.76
C SER A 3 -12.94 1.90 1.44
N GLY A 4 -13.24 3.10 1.93
CA GLY A 4 -12.23 3.90 2.59
C GLY A 4 -11.39 3.09 3.56
N SER A 5 -10.21 3.61 3.90
CA SER A 5 -9.30 2.93 4.81
C SER A 5 -9.95 2.75 6.19
N SER A 6 -9.97 1.52 6.68
CA SER A 6 -10.55 1.22 7.98
C SER A 6 -9.64 0.31 8.80
N GLY A 7 -8.34 0.58 8.73
CA GLY A 7 -7.37 -0.22 9.47
C GLY A 7 -7.70 -1.70 9.42
N THR A 8 -8.05 -2.20 8.24
CA THR A 8 -8.38 -3.61 8.07
C THR A 8 -7.17 -4.43 7.68
N GLY A 9 -7.06 -5.63 8.23
CA GLY A 9 -5.93 -6.50 7.92
C GLY A 9 -5.26 -7.04 9.17
N GLU A 10 -4.01 -7.47 9.02
CA GLU A 10 -3.26 -8.01 10.15
C GLU A 10 -2.16 -7.06 10.60
N LYS A 11 -2.16 -5.87 10.01
CA LYS A 11 -1.15 -4.86 10.34
C LYS A 11 -1.76 -3.46 10.31
N PRO A 12 -1.32 -2.59 11.23
CA PRO A 12 -1.80 -1.21 11.33
C PRO A 12 -1.34 -0.35 10.15
N TYR A 13 -0.52 -0.93 9.28
CA TYR A 13 -0.01 -0.23 8.11
C TYR A 13 -0.45 -0.91 6.83
N GLU A 14 -1.26 -0.20 6.04
CA GLU A 14 -1.76 -0.74 4.78
C GLU A 14 -1.74 0.33 3.69
N CYS A 15 -1.48 -0.09 2.45
CA CYS A 15 -1.43 0.83 1.33
C CYS A 15 -2.85 1.18 0.85
N LYS A 16 -3.22 2.45 0.99
CA LYS A 16 -4.53 2.92 0.57
C LYS A 16 -4.57 3.17 -0.93
N GLU A 17 -3.44 2.94 -1.60
CA GLU A 17 -3.35 3.15 -3.03
C GLU A 17 -3.69 1.86 -3.79
N CYS A 18 -3.18 0.74 -3.29
CA CYS A 18 -3.43 -0.55 -3.91
C CYS A 18 -3.99 -1.55 -2.90
N GLY A 19 -3.49 -1.48 -1.67
CA GLY A 19 -3.96 -2.38 -0.63
C GLY A 19 -2.91 -3.41 -0.25
N LYS A 20 -1.84 -2.94 0.40
CA LYS A 20 -0.77 -3.82 0.83
C LYS A 20 -0.36 -3.52 2.28
N ALA A 21 -0.40 -4.55 3.11
CA ALA A 21 -0.03 -4.41 4.52
C ALA A 21 1.43 -4.76 4.75
N PHE A 22 2.12 -3.93 5.53
CA PHE A 22 3.53 -4.15 5.82
C PHE A 22 3.78 -4.15 7.32
N SER A 23 4.68 -5.03 7.77
CA SER A 23 5.01 -5.14 9.18
C SER A 23 5.58 -3.83 9.70
N GLN A 24 6.40 -3.17 8.89
CA GLN A 24 7.01 -1.90 9.27
C GLN A 24 6.48 -0.76 8.42
N THR A 25 6.22 0.38 9.06
CA THR A 25 5.70 1.55 8.35
C THR A 25 6.61 1.94 7.20
N THR A 26 7.92 1.95 7.46
CA THR A 26 8.89 2.31 6.45
C THR A 26 8.63 1.57 5.14
N HIS A 27 8.65 0.24 5.22
CA HIS A 27 8.42 -0.59 4.03
C HIS A 27 7.25 -0.06 3.22
N LEU A 28 6.16 0.25 3.90
CA LEU A 28 4.96 0.76 3.24
C LEU A 28 5.28 2.05 2.47
N ILE A 29 5.93 2.99 3.14
CA ILE A 29 6.29 4.25 2.52
C ILE A 29 7.18 4.03 1.30
N GLN A 30 8.17 3.17 1.46
CA GLN A 30 9.09 2.87 0.36
C GLN A 30 8.36 2.22 -0.81
N HIS A 31 7.23 1.58 -0.51
CA HIS A 31 6.44 0.92 -1.54
C HIS A 31 5.61 1.93 -2.32
N GLN A 32 5.24 3.02 -1.66
CA GLN A 32 4.44 4.07 -2.30
C GLN A 32 5.20 4.70 -3.45
N ARG A 33 6.49 4.38 -3.56
CA ARG A 33 7.33 4.92 -4.62
C ARG A 33 6.89 4.37 -5.98
N VAL A 34 6.31 3.17 -5.98
CA VAL A 34 5.86 2.53 -7.21
C VAL A 34 4.53 3.13 -7.67
N HIS A 35 3.83 3.78 -6.76
CA HIS A 35 2.55 4.41 -7.07
C HIS A 35 2.75 5.84 -7.54
N THR A 36 3.90 6.41 -7.23
CA THR A 36 4.21 7.79 -7.61
C THR A 36 5.20 7.82 -8.77
N GLY A 37 6.02 6.78 -8.88
CA GLY A 37 7.00 6.72 -9.95
C GLY A 37 6.60 5.74 -11.04
N GLU A 38 5.39 5.89 -11.57
CA GLU A 38 4.89 5.01 -12.61
C GLU A 38 4.58 5.81 -13.88
N LYS A 39 4.82 5.18 -15.04
CA LYS A 39 4.56 5.83 -16.32
C LYS A 39 3.65 4.97 -17.18
N PRO A 40 2.90 5.62 -18.09
CA PRO A 40 1.97 4.94 -18.99
C PRO A 40 2.69 4.12 -20.05
N SER A 41 3.09 2.91 -19.68
CA SER A 41 3.80 2.03 -20.61
C SER A 41 2.94 0.80 -20.95
N GLY A 42 2.82 -0.11 -19.99
CA GLY A 42 2.04 -1.31 -20.21
C GLY A 42 2.70 -2.55 -19.65
N PRO A 43 2.30 -3.72 -20.15
CA PRO A 43 2.84 -5.01 -19.71
C PRO A 43 4.30 -5.21 -20.15
N SER A 44 4.70 -4.47 -21.18
CA SER A 44 6.06 -4.56 -21.70
C SER A 44 7.08 -4.37 -20.59
N SER A 45 8.01 -5.33 -20.48
CA SER A 45 9.04 -5.27 -19.46
C SER A 45 10.19 -4.37 -19.90
N GLY A 46 11.11 -4.09 -18.97
CA GLY A 46 12.23 -3.24 -19.28
C GLY A 46 13.23 -3.15 -18.13
ZN ZN B . 0.57 0.19 -2.89
N GLY A 1 -19.11 -13.68 -2.91
CA GLY A 1 -18.07 -14.26 -2.08
C GLY A 1 -16.98 -13.27 -1.75
N SER A 2 -16.99 -12.78 -0.50
CA SER A 2 -16.00 -11.81 -0.05
C SER A 2 -15.13 -12.40 1.06
N SER A 3 -13.92 -11.87 1.19
CA SER A 3 -13.00 -12.34 2.21
C SER A 3 -13.72 -12.57 3.53
N GLY A 4 -13.19 -13.50 4.33
CA GLY A 4 -13.79 -13.80 5.61
C GLY A 4 -12.97 -13.28 6.78
N SER A 5 -12.82 -14.11 7.81
CA SER A 5 -12.06 -13.72 8.99
C SER A 5 -10.61 -13.45 8.64
N SER A 6 -9.96 -12.60 9.42
CA SER A 6 -8.55 -12.26 9.19
C SER A 6 -7.64 -13.30 9.80
N GLY A 7 -7.29 -14.31 9.02
CA GLY A 7 -6.41 -15.37 9.49
C GLY A 7 -5.11 -14.83 10.07
N THR A 8 -4.54 -13.84 9.39
CA THR A 8 -3.30 -13.24 9.84
C THR A 8 -3.54 -11.89 10.51
N GLY A 9 -2.90 -11.68 11.66
CA GLY A 9 -3.06 -10.44 12.39
C GLY A 9 -2.69 -9.23 11.56
N GLU A 10 -3.67 -8.67 10.87
CA GLU A 10 -3.44 -7.49 10.03
C GLU A 10 -2.62 -6.45 10.78
N LYS A 11 -2.04 -5.51 10.03
CA LYS A 11 -1.23 -4.45 10.61
C LYS A 11 -1.86 -3.08 10.37
N PRO A 12 -1.53 -2.12 11.22
CA PRO A 12 -2.05 -0.74 11.12
C PRO A 12 -1.48 0.00 9.92
N TYR A 13 -0.62 -0.67 9.16
CA TYR A 13 0.00 -0.09 7.99
C TYR A 13 -0.44 -0.80 6.71
N GLU A 14 -1.19 -0.11 5.87
CA GLU A 14 -1.67 -0.68 4.63
C GLU A 14 -1.80 0.39 3.55
N CYS A 15 -1.31 0.08 2.35
CA CYS A 15 -1.36 1.01 1.23
C CYS A 15 -2.80 1.30 0.83
N LYS A 16 -3.17 2.57 0.80
CA LYS A 16 -4.52 2.98 0.43
C LYS A 16 -4.60 3.31 -1.05
N GLU A 17 -3.75 2.66 -1.84
CA GLU A 17 -3.73 2.88 -3.28
C GLU A 17 -3.99 1.59 -4.05
N CYS A 18 -3.43 0.49 -3.53
CA CYS A 18 -3.60 -0.82 -4.16
C CYS A 18 -4.09 -1.84 -3.15
N GLY A 19 -3.53 -1.79 -1.94
CA GLY A 19 -3.91 -2.73 -0.90
C GLY A 19 -2.80 -3.67 -0.53
N LYS A 20 -1.92 -3.23 0.37
CA LYS A 20 -0.80 -4.06 0.81
C LYS A 20 -0.33 -3.64 2.21
N ALA A 21 -0.29 -4.61 3.11
CA ALA A 21 0.14 -4.35 4.48
C ALA A 21 1.63 -4.63 4.66
N PHE A 22 2.27 -3.89 5.57
CA PHE A 22 3.69 -4.06 5.83
C PHE A 22 3.97 -4.08 7.32
N SER A 23 4.73 -5.07 7.77
CA SER A 23 5.07 -5.20 9.18
C SER A 23 5.57 -3.87 9.75
N GLN A 24 6.47 -3.23 9.01
CA GLN A 24 7.02 -1.95 9.44
C GLN A 24 6.47 -0.80 8.60
N THR A 25 6.53 0.41 9.14
CA THR A 25 6.04 1.58 8.44
C THR A 25 6.96 1.97 7.29
N THR A 26 8.25 1.95 7.56
CA THR A 26 9.24 2.30 6.54
C THR A 26 9.08 1.44 5.29
N HIS A 27 8.56 0.24 5.47
CA HIS A 27 8.35 -0.69 4.36
C HIS A 27 7.20 -0.21 3.48
N LEU A 28 6.14 0.30 4.11
CA LEU A 28 4.97 0.79 3.38
C LEU A 28 5.32 2.04 2.59
N ILE A 29 6.05 2.95 3.22
CA ILE A 29 6.44 4.21 2.57
C ILE A 29 7.26 3.93 1.31
N GLN A 30 8.23 3.04 1.42
CA GLN A 30 9.09 2.69 0.30
C GLN A 30 8.26 2.14 -0.86
N HIS A 31 7.28 1.31 -0.53
CA HIS A 31 6.41 0.72 -1.55
C HIS A 31 5.64 1.80 -2.31
N GLN A 32 5.06 2.74 -1.57
CA GLN A 32 4.30 3.82 -2.17
C GLN A 32 5.00 4.36 -3.41
N ARG A 33 6.33 4.23 -3.43
CA ARG A 33 7.11 4.70 -4.56
C ARG A 33 6.45 4.35 -5.89
N VAL A 34 5.99 3.11 -5.99
CA VAL A 34 5.34 2.64 -7.21
C VAL A 34 4.24 3.62 -7.64
N HIS A 35 3.50 4.15 -6.67
CA HIS A 35 2.43 5.09 -6.95
C HIS A 35 2.97 6.52 -7.05
N THR A 36 3.99 6.81 -6.25
CA THR A 36 4.60 8.14 -6.24
C THR A 36 6.12 8.05 -6.34
N GLY A 37 6.61 7.78 -7.54
CA GLY A 37 8.04 7.67 -7.75
C GLY A 37 8.70 9.02 -8.02
N GLU A 38 9.50 9.09 -9.06
CA GLU A 38 10.19 10.33 -9.41
C GLU A 38 9.26 11.26 -10.20
N LYS A 39 8.05 11.43 -9.70
CA LYS A 39 7.06 12.29 -10.35
C LYS A 39 6.58 13.38 -9.41
N PRO A 40 6.32 14.57 -9.95
CA PRO A 40 5.84 15.73 -9.18
C PRO A 40 4.42 15.52 -8.68
N SER A 41 4.17 15.96 -7.44
CA SER A 41 2.84 15.83 -6.84
C SER A 41 2.21 17.21 -6.62
N GLY A 42 1.66 17.77 -7.70
CA GLY A 42 1.03 19.07 -7.61
C GLY A 42 1.99 20.20 -7.92
N PRO A 43 1.47 21.27 -8.54
CA PRO A 43 2.27 22.44 -8.90
C PRO A 43 2.72 23.24 -7.69
N SER A 44 1.76 23.56 -6.82
CA SER A 44 2.06 24.34 -5.62
C SER A 44 0.88 24.31 -4.65
N SER A 45 1.15 24.58 -3.38
CA SER A 45 0.12 24.58 -2.35
C SER A 45 -0.25 26.00 -1.96
N GLY A 46 -1.42 26.45 -2.44
CA GLY A 46 -1.87 27.80 -2.13
C GLY A 46 -1.73 28.74 -3.30
ZN ZN B . 0.37 0.35 -3.16
N GLY A 1 -19.40 -9.76 24.42
CA GLY A 1 -19.63 -10.77 23.41
C GLY A 1 -18.36 -11.16 22.69
N SER A 2 -18.06 -12.45 22.67
CA SER A 2 -16.85 -12.94 22.00
C SER A 2 -17.04 -14.40 21.57
N SER A 3 -16.52 -14.73 20.40
CA SER A 3 -16.61 -16.09 19.87
C SER A 3 -15.24 -16.67 19.56
N GLY A 4 -14.21 -15.81 19.66
CA GLY A 4 -12.87 -16.25 19.39
C GLY A 4 -12.31 -15.65 18.12
N SER A 5 -11.19 -14.92 18.24
CA SER A 5 -10.57 -14.28 17.09
C SER A 5 -9.77 -15.30 16.27
N SER A 6 -10.33 -15.69 15.13
CA SER A 6 -9.67 -16.66 14.26
C SER A 6 -8.43 -16.05 13.60
N GLY A 7 -8.59 -14.85 13.05
CA GLY A 7 -7.47 -14.19 12.39
C GLY A 7 -7.85 -12.82 11.85
N THR A 8 -8.29 -11.94 12.74
CA THR A 8 -8.70 -10.60 12.34
C THR A 8 -7.66 -9.56 12.78
N GLY A 9 -6.39 -9.89 12.59
CA GLY A 9 -5.33 -8.98 12.97
C GLY A 9 -4.68 -8.30 11.77
N GLU A 10 -5.04 -7.04 11.54
CA GLU A 10 -4.51 -6.28 10.42
C GLU A 10 -3.44 -5.29 10.90
N LYS A 11 -2.49 -4.98 10.02
CA LYS A 11 -1.42 -4.05 10.35
C LYS A 11 -1.89 -2.61 10.20
N PRO A 12 -1.40 -1.73 11.07
CA PRO A 12 -1.76 -0.31 11.05
C PRO A 12 -1.16 0.42 9.86
N TYR A 13 -0.37 -0.30 9.06
CA TYR A 13 0.25 0.28 7.88
C TYR A 13 -0.12 -0.50 6.62
N GLU A 14 -0.82 0.17 5.71
CA GLU A 14 -1.24 -0.47 4.46
C GLU A 14 -1.32 0.56 3.34
N CYS A 15 -1.25 0.07 2.10
CA CYS A 15 -1.30 0.94 0.93
C CYS A 15 -2.73 1.05 0.40
N LYS A 16 -3.32 2.23 0.54
CA LYS A 16 -4.69 2.46 0.07
C LYS A 16 -4.74 2.49 -1.45
N GLU A 17 -3.59 2.71 -2.08
CA GLU A 17 -3.50 2.77 -3.53
C GLU A 17 -3.83 1.40 -4.14
N CYS A 18 -3.13 0.37 -3.68
CA CYS A 18 -3.36 -0.98 -4.19
C CYS A 18 -3.97 -1.87 -3.11
N GLY A 19 -3.44 -1.78 -1.91
CA GLY A 19 -3.95 -2.58 -0.80
C GLY A 19 -2.95 -3.62 -0.32
N LYS A 20 -1.87 -3.15 0.32
CA LYS A 20 -0.84 -4.04 0.82
C LYS A 20 -0.37 -3.59 2.20
N ALA A 21 -0.46 -4.49 3.18
CA ALA A 21 -0.03 -4.19 4.53
C ALA A 21 1.39 -4.66 4.79
N PHE A 22 2.15 -3.86 5.53
CA PHE A 22 3.53 -4.20 5.84
C PHE A 22 3.77 -4.20 7.35
N SER A 23 4.65 -5.09 7.81
CA SER A 23 4.95 -5.20 9.24
C SER A 23 5.49 -3.88 9.77
N GLN A 24 6.42 -3.27 9.02
CA GLN A 24 7.01 -2.00 9.42
C GLN A 24 6.61 -0.89 8.46
N THR A 25 6.36 0.30 9.02
CA THR A 25 5.98 1.45 8.21
C THR A 25 6.97 1.69 7.08
N THR A 26 8.25 1.66 7.41
CA THR A 26 9.30 1.88 6.43
C THR A 26 9.04 1.09 5.16
N HIS A 27 8.57 -0.15 5.33
CA HIS A 27 8.27 -1.01 4.19
C HIS A 27 7.18 -0.39 3.31
N LEU A 28 6.17 0.19 3.94
CA LEU A 28 5.06 0.80 3.23
C LEU A 28 5.52 2.10 2.54
N ILE A 29 6.07 3.01 3.32
CA ILE A 29 6.55 4.28 2.80
C ILE A 29 7.30 4.09 1.49
N GLN A 30 8.24 3.15 1.49
CA GLN A 30 9.03 2.86 0.30
C GLN A 30 8.15 2.32 -0.83
N HIS A 31 7.24 1.43 -0.48
CA HIS A 31 6.33 0.84 -1.46
C HIS A 31 5.48 1.92 -2.13
N GLN A 32 5.01 2.87 -1.33
CA GLN A 32 4.18 3.95 -1.85
C GLN A 32 4.80 4.58 -3.08
N ARG A 33 6.13 4.50 -3.18
CA ARG A 33 6.85 5.06 -4.31
C ARG A 33 6.30 4.52 -5.63
N VAL A 34 5.93 3.23 -5.63
CA VAL A 34 5.38 2.60 -6.82
C VAL A 34 4.09 3.27 -7.26
N HIS A 35 3.56 4.13 -6.39
CA HIS A 35 2.32 4.84 -6.69
C HIS A 35 2.56 6.35 -6.78
N THR A 36 3.81 6.72 -7.01
CA THR A 36 4.17 8.14 -7.12
C THR A 36 4.51 8.51 -8.56
N GLY A 37 5.28 7.66 -9.23
CA GLY A 37 5.65 7.92 -10.60
C GLY A 37 4.47 8.33 -11.46
N GLU A 38 4.71 9.17 -12.46
CA GLU A 38 3.66 9.65 -13.35
C GLU A 38 3.38 8.63 -14.45
N LYS A 39 2.11 8.44 -14.76
CA LYS A 39 1.70 7.49 -15.80
C LYS A 39 0.27 7.73 -16.23
N PRO A 40 -0.09 7.24 -17.42
CA PRO A 40 -1.44 7.39 -17.97
C PRO A 40 -2.47 6.55 -17.21
N SER A 41 -2.00 5.78 -16.24
CA SER A 41 -2.88 4.93 -15.44
C SER A 41 -3.86 5.78 -14.64
N GLY A 42 -5.15 5.57 -14.90
CA GLY A 42 -6.17 6.32 -14.20
C GLY A 42 -7.56 6.05 -14.75
N PRO A 43 -8.10 4.86 -14.45
CA PRO A 43 -9.43 4.46 -14.91
C PRO A 43 -10.54 5.24 -14.21
N SER A 44 -10.48 5.31 -12.89
CA SER A 44 -11.48 6.02 -12.10
C SER A 44 -10.99 6.25 -10.67
N SER A 45 -11.63 7.19 -9.99
CA SER A 45 -11.26 7.51 -8.62
C SER A 45 -12.44 7.33 -7.67
N GLY A 46 -13.63 7.15 -8.25
CA GLY A 46 -14.82 6.97 -7.46
C GLY A 46 -15.72 8.19 -7.44
ZN ZN B . 0.54 0.00 -3.26
N GLY A 1 -23.29 1.47 15.12
CA GLY A 1 -22.97 0.10 14.78
C GLY A 1 -22.63 -0.73 15.99
N SER A 2 -22.43 -2.03 15.78
CA SER A 2 -22.08 -2.95 16.86
C SER A 2 -20.57 -3.08 17.01
N SER A 3 -20.01 -2.37 17.98
CA SER A 3 -18.57 -2.41 18.23
C SER A 3 -18.09 -3.84 18.41
N GLY A 4 -16.98 -4.18 17.76
CA GLY A 4 -16.43 -5.52 17.87
C GLY A 4 -15.91 -6.04 16.54
N SER A 5 -14.59 -6.04 16.38
CA SER A 5 -13.96 -6.51 15.16
C SER A 5 -12.59 -7.11 15.44
N SER A 6 -12.19 -8.07 14.62
CA SER A 6 -10.90 -8.74 14.79
C SER A 6 -9.79 -7.95 14.11
N GLY A 7 -8.96 -7.29 14.91
CA GLY A 7 -7.87 -6.50 14.37
C GLY A 7 -6.65 -7.34 14.04
N THR A 8 -6.20 -8.12 15.01
CA THR A 8 -5.03 -8.98 14.82
C THR A 8 -5.03 -9.60 13.42
N GLY A 9 -3.90 -9.47 12.73
CA GLY A 9 -3.80 -10.02 11.40
C GLY A 9 -3.10 -9.08 10.43
N GLU A 10 -3.75 -7.97 10.12
CA GLU A 10 -3.18 -6.98 9.20
C GLU A 10 -2.72 -5.74 9.95
N LYS A 11 -1.40 -5.52 9.97
CA LYS A 11 -0.83 -4.38 10.66
C LYS A 11 -1.59 -3.11 10.33
N PRO A 12 -1.45 -2.08 11.19
CA PRO A 12 -2.11 -0.79 11.01
C PRO A 12 -1.55 0.00 9.83
N TYR A 13 -0.56 -0.58 9.15
CA TYR A 13 0.06 0.06 8.01
C TYR A 13 -0.30 -0.66 6.71
N GLU A 14 -1.10 0.02 5.87
CA GLU A 14 -1.52 -0.56 4.60
C GLU A 14 -1.47 0.49 3.49
N CYS A 15 -1.37 0.02 2.26
CA CYS A 15 -1.31 0.91 1.10
C CYS A 15 -2.71 1.13 0.52
N LYS A 16 -3.48 2.00 1.17
CA LYS A 16 -4.83 2.31 0.72
C LYS A 16 -4.88 2.49 -0.80
N GLU A 17 -3.74 2.84 -1.38
CA GLU A 17 -3.64 3.04 -2.82
C GLU A 17 -3.95 1.75 -3.57
N CYS A 18 -3.26 0.67 -3.20
CA CYS A 18 -3.46 -0.62 -3.84
C CYS A 18 -4.09 -1.61 -2.87
N GLY A 19 -3.60 -1.63 -1.64
CA GLY A 19 -4.14 -2.53 -0.63
C GLY A 19 -3.11 -3.56 -0.19
N LYS A 20 -2.03 -3.10 0.43
CA LYS A 20 -0.98 -3.99 0.91
C LYS A 20 -0.50 -3.57 2.30
N ALA A 21 -0.48 -4.53 3.22
CA ALA A 21 -0.04 -4.27 4.58
C ALA A 21 1.41 -4.68 4.78
N PHE A 22 2.15 -3.89 5.55
CA PHE A 22 3.56 -4.18 5.81
C PHE A 22 3.81 -4.31 7.32
N SER A 23 4.85 -5.06 7.67
CA SER A 23 5.20 -5.27 9.07
C SER A 23 5.84 -4.01 9.66
N GLN A 24 6.34 -3.15 8.80
CA GLN A 24 6.98 -1.91 9.23
C GLN A 24 6.51 -0.73 8.40
N THR A 25 6.24 0.40 9.06
CA THR A 25 5.79 1.60 8.38
C THR A 25 6.71 1.96 7.22
N THR A 26 8.01 2.04 7.51
CA THR A 26 8.99 2.39 6.49
C THR A 26 8.82 1.53 5.24
N HIS A 27 8.62 0.23 5.45
CA HIS A 27 8.44 -0.70 4.34
C HIS A 27 7.22 -0.32 3.51
N LEU A 28 6.22 0.26 4.17
CA LEU A 28 4.99 0.67 3.50
C LEU A 28 5.21 1.95 2.70
N ILE A 29 6.12 2.79 3.19
CA ILE A 29 6.42 4.05 2.52
C ILE A 29 7.26 3.82 1.26
N GLN A 30 8.24 2.95 1.37
CA GLN A 30 9.11 2.64 0.24
C GLN A 30 8.30 2.20 -0.97
N HIS A 31 7.34 1.31 -0.75
CA HIS A 31 6.49 0.82 -1.83
C HIS A 31 5.74 1.98 -2.50
N GLN A 32 5.13 2.83 -1.69
CA GLN A 32 4.38 3.97 -2.21
C GLN A 32 5.11 4.61 -3.38
N ARG A 33 6.43 4.44 -3.42
CA ARG A 33 7.25 4.99 -4.48
C ARG A 33 6.70 4.61 -5.85
N VAL A 34 6.38 3.32 -6.01
CA VAL A 34 5.85 2.82 -7.28
C VAL A 34 4.58 3.58 -7.67
N HIS A 35 3.85 4.06 -6.68
CA HIS A 35 2.61 4.80 -6.92
C HIS A 35 2.91 6.23 -7.35
N THR A 36 4.06 6.75 -6.92
CA THR A 36 4.47 8.10 -7.26
C THR A 36 5.76 8.11 -8.05
N GLY A 37 5.66 7.85 -9.35
CA GLY A 37 6.84 7.83 -10.19
C GLY A 37 6.78 8.87 -11.29
N GLU A 38 5.58 9.14 -11.78
CA GLU A 38 5.39 10.13 -12.85
C GLU A 38 4.41 11.22 -12.41
N LYS A 39 4.15 11.28 -11.11
CA LYS A 39 3.23 12.27 -10.56
C LYS A 39 3.81 13.68 -10.70
N PRO A 40 2.92 14.68 -10.73
CA PRO A 40 3.31 16.09 -10.85
C PRO A 40 4.00 16.61 -9.60
N SER A 41 4.20 15.72 -8.63
CA SER A 41 4.85 16.10 -7.38
C SER A 41 5.92 17.14 -7.61
N GLY A 42 5.85 18.24 -6.86
CA GLY A 42 6.83 19.30 -7.01
C GLY A 42 8.18 18.93 -6.41
N PRO A 43 9.18 19.80 -6.64
CA PRO A 43 10.53 19.57 -6.13
C PRO A 43 10.62 19.74 -4.62
N SER A 44 9.48 20.01 -3.99
CA SER A 44 9.43 20.20 -2.55
C SER A 44 10.44 19.29 -1.84
N SER A 45 10.25 17.99 -1.99
CA SER A 45 11.14 17.00 -1.37
C SER A 45 12.34 16.72 -2.27
N GLY A 46 12.07 16.11 -3.42
CA GLY A 46 13.14 15.79 -4.35
C GLY A 46 13.97 14.60 -3.90
ZN ZN B . 0.66 0.41 -3.17
N GLY A 1 -19.41 -3.45 24.12
CA GLY A 1 -18.11 -4.04 24.42
C GLY A 1 -17.15 -3.93 23.25
N SER A 2 -16.05 -3.21 23.45
CA SER A 2 -15.06 -3.03 22.41
C SER A 2 -14.20 -4.27 22.24
N SER A 3 -13.43 -4.32 21.15
CA SER A 3 -12.58 -5.46 20.87
C SER A 3 -11.25 -5.00 20.27
N GLY A 4 -10.16 -5.64 20.69
CA GLY A 4 -8.85 -5.28 20.18
C GLY A 4 -8.08 -6.49 19.67
N SER A 5 -8.08 -6.67 18.35
CA SER A 5 -7.38 -7.81 17.75
C SER A 5 -5.88 -7.52 17.64
N SER A 6 -5.14 -7.93 18.65
CA SER A 6 -3.69 -7.73 18.68
C SER A 6 -2.95 -9.04 18.48
N GLY A 7 -2.44 -9.25 17.26
CA GLY A 7 -1.72 -10.47 16.96
C GLY A 7 -2.30 -11.21 15.78
N THR A 8 -1.47 -11.48 14.78
CA THR A 8 -1.91 -12.19 13.59
C THR A 8 -3.14 -11.53 12.99
N GLY A 9 -3.12 -10.21 12.89
CA GLY A 9 -4.24 -9.48 12.32
C GLY A 9 -3.80 -8.39 11.36
N GLU A 10 -4.76 -7.60 10.90
CA GLU A 10 -4.46 -6.52 9.96
C GLU A 10 -3.39 -5.60 10.52
N LYS A 11 -2.43 -5.23 9.66
CA LYS A 11 -1.34 -4.35 10.07
C LYS A 11 -1.80 -2.90 10.07
N PRO A 12 -1.22 -2.10 10.99
CA PRO A 12 -1.55 -0.67 11.11
C PRO A 12 -1.04 0.15 9.93
N TYR A 13 -0.25 -0.49 9.07
CA TYR A 13 0.31 0.17 7.90
C TYR A 13 -0.07 -0.56 6.62
N GLU A 14 -0.97 0.04 5.84
CA GLU A 14 -1.42 -0.55 4.59
C GLU A 14 -1.50 0.49 3.48
N CYS A 15 -1.08 0.11 2.28
CA CYS A 15 -1.11 1.03 1.14
C CYS A 15 -2.55 1.35 0.74
N LYS A 16 -2.88 2.63 0.72
CA LYS A 16 -4.22 3.07 0.36
C LYS A 16 -4.31 3.36 -1.13
N GLU A 17 -3.53 2.62 -1.93
CA GLU A 17 -3.52 2.80 -3.37
C GLU A 17 -3.79 1.47 -4.08
N CYS A 18 -3.23 0.39 -3.53
CA CYS A 18 -3.41 -0.94 -4.11
C CYS A 18 -3.98 -1.91 -3.08
N GLY A 19 -3.46 -1.84 -1.86
CA GLY A 19 -3.93 -2.71 -0.80
C GLY A 19 -2.86 -3.70 -0.34
N LYS A 20 -1.80 -3.18 0.25
CA LYS A 20 -0.71 -4.02 0.73
C LYS A 20 -0.25 -3.57 2.12
N ALA A 21 -0.30 -4.50 3.07
CA ALA A 21 0.10 -4.22 4.44
C ALA A 21 1.52 -4.71 4.71
N PHE A 22 2.31 -3.89 5.41
CA PHE A 22 3.68 -4.25 5.73
C PHE A 22 3.92 -4.18 7.23
N SER A 23 4.54 -5.23 7.78
CA SER A 23 4.82 -5.28 9.22
C SER A 23 5.34 -3.94 9.71
N GLN A 24 6.34 -3.39 9.01
CA GLN A 24 6.93 -2.11 9.39
C GLN A 24 6.39 -0.99 8.51
N THR A 25 5.99 0.11 9.14
CA THR A 25 5.45 1.26 8.42
C THR A 25 6.45 1.76 7.38
N THR A 26 7.73 1.74 7.73
CA THR A 26 8.79 2.20 6.84
C THR A 26 8.72 1.46 5.50
N HIS A 27 8.39 0.17 5.56
CA HIS A 27 8.29 -0.65 4.36
C HIS A 27 7.25 -0.10 3.39
N LEU A 28 6.13 0.38 3.95
CA LEU A 28 5.05 0.93 3.14
C LEU A 28 5.48 2.26 2.51
N ILE A 29 6.32 3.00 3.22
CA ILE A 29 6.79 4.29 2.73
C ILE A 29 7.49 4.14 1.39
N GLN A 30 8.37 3.15 1.28
CA GLN A 30 9.11 2.90 0.05
C GLN A 30 8.18 2.35 -1.03
N HIS A 31 7.30 1.44 -0.63
CA HIS A 31 6.35 0.83 -1.57
C HIS A 31 5.50 1.90 -2.25
N GLN A 32 5.01 2.85 -1.46
CA GLN A 32 4.17 3.92 -1.99
C GLN A 32 4.78 4.49 -3.27
N ARG A 33 6.09 4.44 -3.38
CA ARG A 33 6.79 4.95 -4.55
C ARG A 33 6.21 4.34 -5.82
N VAL A 34 5.89 3.06 -5.77
CA VAL A 34 5.32 2.37 -6.92
C VAL A 34 4.05 3.04 -7.41
N HIS A 35 3.50 3.91 -6.57
CA HIS A 35 2.28 4.63 -6.91
C HIS A 35 2.51 6.14 -6.94
N THR A 36 3.51 6.59 -6.18
CA THR A 36 3.84 8.00 -6.12
C THR A 36 5.06 8.32 -6.97
N GLY A 37 4.81 8.66 -8.24
CA GLY A 37 5.90 8.98 -9.15
C GLY A 37 5.47 9.93 -10.24
N GLU A 38 4.22 9.81 -10.68
CA GLU A 38 3.69 10.66 -11.74
C GLU A 38 4.09 12.11 -11.52
N LYS A 39 4.36 12.83 -12.60
CA LYS A 39 4.75 14.23 -12.53
C LYS A 39 6.14 14.37 -11.92
N PRO A 40 7.12 13.67 -12.51
CA PRO A 40 8.51 13.70 -12.05
C PRO A 40 9.18 15.05 -12.32
N SER A 41 9.18 15.91 -11.29
CA SER A 41 9.79 17.23 -11.41
C SER A 41 10.42 17.66 -10.09
N GLY A 42 11.35 18.60 -10.17
CA GLY A 42 12.01 19.09 -8.98
C GLY A 42 13.52 19.24 -9.17
N PRO A 43 14.24 19.39 -8.04
CA PRO A 43 15.70 19.54 -8.06
C PRO A 43 16.41 18.26 -8.47
N SER A 44 15.63 17.23 -8.80
CA SER A 44 16.19 15.95 -9.20
C SER A 44 17.49 16.14 -9.99
N SER A 45 18.47 15.31 -9.71
CA SER A 45 19.76 15.38 -10.38
C SER A 45 19.59 15.78 -11.85
N GLY A 46 20.58 16.48 -12.39
CA GLY A 46 20.51 16.90 -13.78
C GLY A 46 21.88 17.19 -14.35
ZN ZN B . 0.64 0.03 -3.12
N GLY A 1 -7.17 -15.08 -5.54
CA GLY A 1 -6.83 -15.55 -4.22
C GLY A 1 -5.34 -15.69 -4.02
N SER A 2 -4.95 -16.66 -3.19
CA SER A 2 -3.53 -16.89 -2.90
C SER A 2 -2.85 -15.60 -2.47
N SER A 3 -3.48 -14.89 -1.54
CA SER A 3 -2.94 -13.63 -1.04
C SER A 3 -2.76 -13.69 0.47
N GLY A 4 -2.14 -12.65 1.03
CA GLY A 4 -1.91 -12.59 2.45
C GLY A 4 -3.17 -12.86 3.25
N SER A 5 -3.01 -13.44 4.44
CA SER A 5 -4.15 -13.75 5.30
C SER A 5 -3.79 -13.54 6.77
N SER A 6 -4.81 -13.28 7.58
CA SER A 6 -4.60 -13.05 9.01
C SER A 6 -5.84 -13.46 9.81
N GLY A 7 -5.67 -13.62 11.11
CA GLY A 7 -6.77 -14.01 11.97
C GLY A 7 -7.16 -12.92 12.94
N THR A 8 -6.19 -12.44 13.71
CA THR A 8 -6.44 -11.39 14.69
C THR A 8 -6.11 -10.02 14.12
N GLY A 9 -7.12 -9.32 13.61
CA GLY A 9 -6.91 -8.00 13.04
C GLY A 9 -5.79 -7.98 12.03
N GLU A 10 -5.46 -6.79 11.53
CA GLU A 10 -4.40 -6.64 10.54
C GLU A 10 -3.43 -5.55 10.96
N LYS A 11 -2.36 -5.40 10.19
CA LYS A 11 -1.34 -4.38 10.48
C LYS A 11 -1.91 -2.98 10.31
N PRO A 12 -1.47 -2.05 11.18
CA PRO A 12 -1.92 -0.66 11.15
C PRO A 12 -1.39 0.09 9.92
N TYR A 13 -0.64 -0.60 9.09
CA TYR A 13 -0.07 0.00 7.88
C TYR A 13 -0.55 -0.74 6.64
N GLU A 14 -1.22 -0.02 5.75
CA GLU A 14 -1.73 -0.61 4.52
C GLU A 14 -1.80 0.44 3.40
N CYS A 15 -1.35 0.06 2.22
CA CYS A 15 -1.36 0.97 1.08
C CYS A 15 -2.79 1.24 0.61
N LYS A 16 -3.20 2.50 0.66
CA LYS A 16 -4.54 2.90 0.25
C LYS A 16 -4.57 3.19 -1.25
N GLU A 17 -3.72 2.52 -2.00
CA GLU A 17 -3.65 2.71 -3.45
C GLU A 17 -3.88 1.40 -4.19
N CYS A 18 -3.31 0.32 -3.66
CA CYS A 18 -3.45 -1.00 -4.27
C CYS A 18 -3.95 -2.01 -3.25
N GLY A 19 -3.43 -1.93 -2.04
CA GLY A 19 -3.82 -2.85 -0.99
C GLY A 19 -2.69 -3.74 -0.53
N LYS A 20 -1.73 -3.16 0.18
CA LYS A 20 -0.58 -3.91 0.68
C LYS A 20 -0.24 -3.50 2.10
N ALA A 21 -0.20 -4.48 3.01
CA ALA A 21 0.11 -4.23 4.40
C ALA A 21 1.57 -4.57 4.70
N PHE A 22 2.19 -3.78 5.57
CA PHE A 22 3.59 -4.00 5.94
C PHE A 22 3.75 -3.95 7.46
N SER A 23 4.51 -4.90 8.00
CA SER A 23 4.75 -4.97 9.43
C SER A 23 5.36 -3.67 9.94
N GLN A 24 6.26 -3.09 9.15
CA GLN A 24 6.93 -1.85 9.52
C GLN A 24 6.39 -0.68 8.70
N THR A 25 6.84 0.53 9.04
CA THR A 25 6.41 1.73 8.33
C THR A 25 7.27 1.99 7.11
N THR A 26 8.57 1.80 7.27
CA THR A 26 9.52 2.03 6.17
C THR A 26 9.22 1.10 4.99
N HIS A 27 8.69 -0.08 5.29
CA HIS A 27 8.35 -1.05 4.26
C HIS A 27 7.14 -0.59 3.45
N LEU A 28 6.30 0.22 4.08
CA LEU A 28 5.10 0.72 3.42
C LEU A 28 5.41 1.99 2.63
N ILE A 29 6.12 2.92 3.26
CA ILE A 29 6.50 4.18 2.61
C ILE A 29 7.31 3.91 1.35
N GLN A 30 8.23 2.96 1.43
CA GLN A 30 9.08 2.61 0.29
C GLN A 30 8.23 2.15 -0.90
N HIS A 31 7.33 1.20 -0.64
CA HIS A 31 6.47 0.67 -1.69
C HIS A 31 5.59 1.77 -2.28
N GLN A 32 5.09 2.65 -1.42
CA GLN A 32 4.24 3.74 -1.85
C GLN A 32 4.82 4.44 -3.08
N ARG A 33 6.15 4.35 -3.22
CA ARG A 33 6.83 4.97 -4.35
C ARG A 33 6.20 4.55 -5.67
N VAL A 34 5.86 3.28 -5.78
CA VAL A 34 5.25 2.74 -6.99
C VAL A 34 3.98 3.50 -7.33
N HIS A 35 3.47 4.27 -6.38
CA HIS A 35 2.25 5.04 -6.59
C HIS A 35 2.56 6.54 -6.62
N THR A 36 3.81 6.87 -6.95
CA THR A 36 4.23 8.27 -7.01
C THR A 36 4.72 8.63 -8.41
N GLY A 37 5.55 7.77 -8.99
CA GLY A 37 6.06 8.03 -10.32
C GLY A 37 5.08 7.65 -11.41
N GLU A 38 5.06 6.37 -11.79
CA GLU A 38 4.16 5.89 -12.82
C GLU A 38 2.70 6.05 -12.39
N LYS A 39 1.80 6.08 -13.37
CA LYS A 39 0.39 6.22 -13.09
C LYS A 39 -0.37 4.93 -13.42
N PRO A 40 -0.31 3.96 -12.50
CA PRO A 40 -0.98 2.66 -12.68
C PRO A 40 -2.50 2.78 -12.60
N SER A 41 -3.19 1.67 -12.83
CA SER A 41 -4.65 1.65 -12.79
C SER A 41 -5.15 0.50 -11.91
N GLY A 42 -6.33 0.70 -11.32
CA GLY A 42 -6.90 -0.32 -10.46
C GLY A 42 -8.25 0.09 -9.89
N PRO A 43 -8.86 -0.81 -9.11
CA PRO A 43 -10.17 -0.56 -8.50
C PRO A 43 -10.10 0.50 -7.39
N SER A 44 -9.02 0.46 -6.61
CA SER A 44 -8.82 1.41 -5.53
C SER A 44 -9.13 2.84 -5.98
N SER A 45 -9.93 3.54 -5.20
CA SER A 45 -10.31 4.92 -5.53
C SER A 45 -9.57 5.91 -4.62
N GLY A 46 -9.52 5.59 -3.33
CA GLY A 46 -8.85 6.46 -2.39
C GLY A 46 -9.74 7.60 -1.92
ZN ZN B . 0.47 0.16 -3.18
N GLY A 1 -20.00 -11.31 -11.09
CA GLY A 1 -19.20 -10.39 -10.30
C GLY A 1 -18.15 -11.11 -9.46
N SER A 2 -16.88 -10.85 -9.76
CA SER A 2 -15.79 -11.48 -9.04
C SER A 2 -15.27 -10.56 -7.93
N SER A 3 -15.38 -11.02 -6.69
CA SER A 3 -14.93 -10.25 -5.53
C SER A 3 -14.04 -11.09 -4.64
N GLY A 4 -12.77 -11.19 -5.00
CA GLY A 4 -11.82 -11.96 -4.22
C GLY A 4 -10.57 -11.19 -3.88
N SER A 5 -10.14 -11.26 -2.63
CA SER A 5 -8.94 -10.54 -2.18
C SER A 5 -7.84 -11.53 -1.84
N SER A 6 -6.60 -11.12 -2.11
CA SER A 6 -5.43 -11.97 -1.83
C SER A 6 -4.48 -11.28 -0.86
N GLY A 7 -4.20 -11.95 0.25
CA GLY A 7 -3.30 -11.39 1.24
C GLY A 7 -4.03 -10.62 2.32
N THR A 8 -4.07 -11.18 3.53
CA THR A 8 -4.75 -10.54 4.64
C THR A 8 -3.91 -9.40 5.22
N GLY A 9 -2.72 -9.74 5.71
CA GLY A 9 -1.84 -8.73 6.29
C GLY A 9 -2.50 -7.96 7.41
N GLU A 10 -2.37 -8.47 8.63
CA GLU A 10 -2.96 -7.83 9.80
C GLU A 10 -1.99 -6.83 10.41
N LYS A 11 -1.97 -5.61 9.88
CA LYS A 11 -1.09 -4.56 10.37
C LYS A 11 -1.75 -3.19 10.24
N PRO A 12 -1.40 -2.28 11.17
CA PRO A 12 -1.94 -0.91 11.17
C PRO A 12 -1.42 -0.08 10.01
N TYR A 13 -0.60 -0.69 9.17
CA TYR A 13 -0.02 0.00 8.02
C TYR A 13 -0.41 -0.70 6.72
N GLU A 14 -1.16 0.00 5.87
CA GLU A 14 -1.60 -0.54 4.60
C GLU A 14 -1.64 0.54 3.52
N CYS A 15 -1.55 0.11 2.27
CA CYS A 15 -1.58 1.05 1.14
C CYS A 15 -2.97 1.12 0.53
N LYS A 16 -3.66 2.23 0.78
CA LYS A 16 -4.99 2.43 0.25
C LYS A 16 -4.99 2.46 -1.28
N GLU A 17 -3.84 2.83 -1.85
CA GLU A 17 -3.69 2.90 -3.30
C GLU A 17 -4.04 1.55 -3.94
N CYS A 18 -3.31 0.52 -3.55
CA CYS A 18 -3.53 -0.82 -4.08
C CYS A 18 -4.12 -1.74 -3.02
N GLY A 19 -3.64 -1.61 -1.79
CA GLY A 19 -4.13 -2.44 -0.71
C GLY A 19 -3.13 -3.46 -0.25
N LYS A 20 -2.00 -2.99 0.28
CA LYS A 20 -0.94 -3.88 0.75
C LYS A 20 -0.49 -3.48 2.15
N ALA A 21 -0.46 -4.46 3.07
CA ALA A 21 -0.05 -4.21 4.44
C ALA A 21 1.40 -4.62 4.66
N PHE A 22 2.13 -3.82 5.41
CA PHE A 22 3.54 -4.11 5.70
C PHE A 22 3.79 -4.15 7.20
N SER A 23 4.57 -5.14 7.63
CA SER A 23 4.89 -5.31 9.04
C SER A 23 5.56 -4.05 9.60
N GLN A 24 6.48 -3.50 8.82
CA GLN A 24 7.20 -2.30 9.23
C GLN A 24 6.58 -1.05 8.62
N THR A 25 6.97 0.11 9.12
CA THR A 25 6.46 1.38 8.62
C THR A 25 7.27 1.87 7.41
N THR A 26 8.58 1.85 7.55
CA THR A 26 9.47 2.29 6.47
C THR A 26 9.22 1.51 5.20
N HIS A 27 8.68 0.29 5.34
CA HIS A 27 8.39 -0.56 4.20
C HIS A 27 7.24 0.02 3.37
N LEU A 28 6.22 0.52 4.05
CA LEU A 28 5.06 1.10 3.38
C LEU A 28 5.44 2.38 2.64
N ILE A 29 6.11 3.28 3.35
CA ILE A 29 6.54 4.55 2.76
C ILE A 29 7.34 4.32 1.48
N GLN A 30 8.25 3.36 1.52
CA GLN A 30 9.08 3.04 0.37
C GLN A 30 8.24 2.43 -0.75
N HIS A 31 7.27 1.59 -0.36
CA HIS A 31 6.40 0.93 -1.34
C HIS A 31 5.61 1.97 -2.13
N GLN A 32 4.95 2.88 -1.42
CA GLN A 32 4.16 3.92 -2.07
C GLN A 32 4.86 4.45 -3.32
N ARG A 33 6.19 4.39 -3.32
CA ARG A 33 6.97 4.85 -4.46
C ARG A 33 6.45 4.26 -5.76
N VAL A 34 6.20 2.95 -5.75
CA VAL A 34 5.70 2.26 -6.94
C VAL A 34 4.52 3.02 -7.55
N HIS A 35 3.81 3.78 -6.72
CA HIS A 35 2.67 4.55 -7.18
C HIS A 35 3.09 5.96 -7.59
N THR A 36 4.14 6.48 -6.94
CA THR A 36 4.63 7.81 -7.23
C THR A 36 6.04 7.76 -7.82
N GLY A 37 6.24 6.84 -8.75
CA GLY A 37 7.55 6.70 -9.38
C GLY A 37 7.64 5.46 -10.25
N GLU A 38 6.84 5.42 -11.30
CA GLU A 38 6.84 4.28 -12.22
C GLU A 38 8.03 4.34 -13.16
N LYS A 39 8.93 5.30 -12.93
CA LYS A 39 10.11 5.46 -13.76
C LYS A 39 11.38 5.21 -12.95
N PRO A 40 12.35 4.53 -13.57
CA PRO A 40 13.62 4.20 -12.93
C PRO A 40 14.50 5.44 -12.72
N SER A 41 15.65 5.26 -12.10
CA SER A 41 16.58 6.36 -11.85
C SER A 41 17.20 6.86 -13.15
N GLY A 42 17.91 7.97 -13.06
CA GLY A 42 18.55 8.54 -14.24
C GLY A 42 19.79 7.77 -14.64
N PRO A 43 20.04 7.71 -15.96
CA PRO A 43 21.20 7.01 -16.51
C PRO A 43 22.52 7.72 -16.19
N SER A 44 22.43 8.81 -15.44
CA SER A 44 23.61 9.58 -15.08
C SER A 44 24.80 8.66 -14.84
N SER A 45 25.90 8.91 -15.55
CA SER A 45 27.11 8.11 -15.42
C SER A 45 27.97 8.61 -14.27
N GLY A 46 28.15 9.93 -14.20
CA GLY A 46 28.96 10.51 -13.16
C GLY A 46 28.58 9.99 -11.78
ZN ZN B . 0.32 0.45 -3.04
N GLY A 1 -24.93 -15.92 8.61
CA GLY A 1 -24.81 -14.83 7.66
C GLY A 1 -23.84 -13.76 8.13
N SER A 2 -23.42 -12.90 7.21
CA SER A 2 -22.48 -11.83 7.53
C SER A 2 -21.14 -12.41 7.97
N SER A 3 -20.68 -13.45 7.27
CA SER A 3 -19.42 -14.10 7.59
C SER A 3 -18.46 -14.02 6.41
N GLY A 4 -17.24 -14.51 6.62
CA GLY A 4 -16.24 -14.49 5.56
C GLY A 4 -15.33 -13.27 5.65
N SER A 5 -14.55 -13.19 6.72
CA SER A 5 -13.64 -12.07 6.92
C SER A 5 -12.21 -12.46 6.54
N SER A 6 -12.08 -13.13 5.40
CA SER A 6 -10.76 -13.56 4.92
C SER A 6 -9.83 -12.36 4.77
N GLY A 7 -8.79 -12.32 5.61
CA GLY A 7 -7.84 -11.23 5.57
C GLY A 7 -6.45 -11.66 5.98
N THR A 8 -5.51 -11.64 5.05
CA THR A 8 -4.13 -12.02 5.32
C THR A 8 -3.26 -10.80 5.58
N GLY A 9 -3.33 -10.27 6.80
CA GLY A 9 -2.54 -9.11 7.15
C GLY A 9 -2.90 -8.54 8.51
N GLU A 10 -3.83 -7.59 8.52
CA GLU A 10 -4.26 -6.97 9.77
C GLU A 10 -3.13 -6.15 10.39
N LYS A 11 -2.32 -5.52 9.55
CA LYS A 11 -1.21 -4.71 10.01
C LYS A 11 -1.61 -3.24 10.10
N PRO A 12 -0.97 -2.52 11.04
CA PRO A 12 -1.24 -1.08 11.25
C PRO A 12 -0.73 -0.22 10.10
N TYR A 13 -0.09 -0.86 9.14
CA TYR A 13 0.45 -0.15 7.98
C TYR A 13 -0.03 -0.78 6.68
N GLU A 14 -0.87 -0.05 5.94
CA GLU A 14 -1.40 -0.53 4.68
C GLU A 14 -1.35 0.56 3.61
N CYS A 15 -1.40 0.15 2.35
CA CYS A 15 -1.37 1.09 1.23
C CYS A 15 -2.77 1.39 0.73
N LYS A 16 -3.16 2.66 0.79
CA LYS A 16 -4.47 3.08 0.33
C LYS A 16 -4.47 3.36 -1.17
N GLU A 17 -3.61 2.65 -1.89
CA GLU A 17 -3.51 2.82 -3.34
C GLU A 17 -3.74 1.50 -4.06
N CYS A 18 -3.32 0.40 -3.43
CA CYS A 18 -3.49 -0.92 -4.01
C CYS A 18 -4.13 -1.89 -3.01
N GLY A 19 -3.64 -1.84 -1.76
CA GLY A 19 -4.18 -2.71 -0.73
C GLY A 19 -3.17 -3.70 -0.23
N LYS A 20 -2.05 -3.20 0.28
CA LYS A 20 -0.99 -4.07 0.80
C LYS A 20 -0.56 -3.63 2.20
N ALA A 21 -0.44 -4.60 3.11
CA ALA A 21 -0.04 -4.31 4.48
C ALA A 21 1.42 -4.67 4.70
N PHE A 22 2.13 -3.80 5.42
CA PHE A 22 3.55 -4.01 5.70
C PHE A 22 3.80 -4.00 7.21
N SER A 23 4.49 -5.03 7.69
CA SER A 23 4.80 -5.14 9.11
C SER A 23 5.45 -3.86 9.62
N GLN A 24 6.32 -3.28 8.82
CA GLN A 24 7.01 -2.05 9.20
C GLN A 24 6.44 -0.86 8.45
N THR A 25 6.42 0.30 9.12
CA THR A 25 5.89 1.52 8.52
C THR A 25 6.75 1.96 7.35
N THR A 26 8.07 1.92 7.52
CA THR A 26 8.99 2.32 6.48
C THR A 26 8.82 1.48 5.22
N HIS A 27 8.34 0.25 5.40
CA HIS A 27 8.13 -0.66 4.29
C HIS A 27 6.99 -0.16 3.39
N LEU A 28 5.94 0.33 4.01
CA LEU A 28 4.78 0.84 3.27
C LEU A 28 5.15 2.10 2.49
N ILE A 29 5.74 3.06 3.18
CA ILE A 29 6.15 4.32 2.55
C ILE A 29 7.08 4.05 1.38
N GLN A 30 8.07 3.18 1.59
CA GLN A 30 9.02 2.85 0.55
C GLN A 30 8.34 2.20 -0.65
N HIS A 31 7.20 1.57 -0.40
CA HIS A 31 6.43 0.91 -1.45
C HIS A 31 5.58 1.92 -2.22
N GLN A 32 5.05 2.90 -1.51
CA GLN A 32 4.22 3.93 -2.13
C GLN A 32 4.94 4.56 -3.32
N ARG A 33 6.26 4.42 -3.35
CA ARG A 33 7.07 4.99 -4.43
C ARG A 33 6.64 4.40 -5.78
N VAL A 34 6.26 3.14 -5.77
CA VAL A 34 5.83 2.46 -6.99
C VAL A 34 4.62 3.15 -7.60
N HIS A 35 3.88 3.88 -6.78
CA HIS A 35 2.69 4.58 -7.24
C HIS A 35 3.04 6.00 -7.69
N THR A 36 4.31 6.19 -8.05
CA THR A 36 4.78 7.50 -8.50
C THR A 36 4.54 7.69 -10.00
N GLY A 37 3.42 7.17 -10.48
CA GLY A 37 3.10 7.29 -11.89
C GLY A 37 3.32 6.00 -12.65
N GLU A 38 4.28 6.02 -13.58
CA GLU A 38 4.58 4.84 -14.38
C GLU A 38 3.31 4.11 -14.78
N LYS A 39 2.27 4.88 -15.11
CA LYS A 39 0.99 4.30 -15.52
C LYS A 39 0.85 4.34 -17.04
N PRO A 40 0.05 3.40 -17.57
CA PRO A 40 -0.20 3.31 -19.02
C PRO A 40 -1.03 4.47 -19.54
N SER A 41 -0.41 5.31 -20.36
CA SER A 41 -1.09 6.47 -20.92
C SER A 41 -2.47 6.07 -21.47
N GLY A 42 -3.49 6.79 -21.03
CA GLY A 42 -4.85 6.50 -21.47
C GLY A 42 -5.88 7.35 -20.75
N PRO A 43 -6.47 6.80 -19.69
CA PRO A 43 -7.49 7.49 -18.89
C PRO A 43 -6.92 8.66 -18.10
N SER A 44 -5.74 8.44 -17.50
CA SER A 44 -5.09 9.47 -16.71
C SER A 44 -3.90 10.07 -17.46
N SER A 45 -3.64 11.35 -17.24
CA SER A 45 -2.54 12.03 -17.90
C SER A 45 -2.33 13.43 -17.31
N GLY A 46 -1.28 14.11 -17.76
CA GLY A 46 -1.00 15.45 -17.27
C GLY A 46 -1.06 15.54 -15.76
ZN ZN B . 0.51 0.27 -3.03
N GLY A 1 -17.07 -11.22 -3.70
CA GLY A 1 -15.93 -10.89 -4.54
C GLY A 1 -14.69 -11.65 -4.15
N SER A 2 -13.68 -11.63 -5.02
CA SER A 2 -12.42 -12.32 -4.76
C SER A 2 -11.63 -11.63 -3.67
N SER A 3 -11.45 -12.31 -2.54
CA SER A 3 -10.72 -11.76 -1.41
C SER A 3 -9.88 -12.84 -0.73
N GLY A 4 -8.56 -12.72 -0.84
CA GLY A 4 -7.67 -13.69 -0.23
C GLY A 4 -6.28 -13.14 0.02
N SER A 5 -5.74 -13.41 1.19
CA SER A 5 -4.41 -12.93 1.56
C SER A 5 -3.70 -13.93 2.48
N SER A 6 -2.43 -14.17 2.19
CA SER A 6 -1.63 -15.10 2.99
C SER A 6 -1.43 -14.57 4.41
N GLY A 7 -1.89 -15.34 5.38
CA GLY A 7 -1.75 -14.94 6.77
C GLY A 7 -3.08 -14.55 7.40
N THR A 8 -3.08 -14.34 8.71
CA THR A 8 -4.29 -13.96 9.43
C THR A 8 -4.08 -12.67 10.21
N GLY A 9 -5.09 -11.81 10.20
CA GLY A 9 -5.01 -10.55 10.92
C GLY A 9 -4.69 -9.38 10.01
N GLU A 10 -4.68 -8.17 10.57
CA GLU A 10 -4.40 -6.97 9.79
C GLU A 10 -3.31 -6.14 10.46
N LYS A 11 -2.40 -5.63 9.64
CA LYS A 11 -1.29 -4.81 10.15
C LYS A 11 -1.72 -3.35 10.29
N PRO A 12 -1.05 -2.63 11.19
CA PRO A 12 -1.34 -1.21 11.44
C PRO A 12 -0.92 -0.32 10.27
N TYR A 13 -0.39 -0.94 9.23
CA TYR A 13 0.05 -0.20 8.05
C TYR A 13 -0.39 -0.90 6.76
N GLU A 14 -1.05 -0.15 5.89
CA GLU A 14 -1.54 -0.70 4.62
C GLU A 14 -1.73 0.40 3.59
N CYS A 15 -1.21 0.17 2.39
CA CYS A 15 -1.32 1.15 1.31
C CYS A 15 -2.78 1.39 0.94
N LYS A 16 -3.24 2.62 1.10
CA LYS A 16 -4.62 2.97 0.79
C LYS A 16 -4.76 3.36 -0.68
N GLU A 17 -4.06 2.62 -1.55
CA GLU A 17 -4.11 2.89 -2.98
C GLU A 17 -4.32 1.60 -3.76
N CYS A 18 -3.60 0.54 -3.38
CA CYS A 18 -3.71 -0.74 -4.04
C CYS A 18 -4.17 -1.82 -3.07
N GLY A 19 -3.63 -1.77 -1.84
CA GLY A 19 -4.00 -2.75 -0.84
C GLY A 19 -2.84 -3.64 -0.46
N LYS A 20 -1.81 -3.05 0.16
CA LYS A 20 -0.64 -3.81 0.58
C LYS A 20 -0.28 -3.49 2.02
N ALA A 21 -0.29 -4.50 2.88
CA ALA A 21 0.04 -4.33 4.28
C ALA A 21 1.48 -4.76 4.56
N PHE A 22 2.19 -3.94 5.32
CA PHE A 22 3.58 -4.23 5.67
C PHE A 22 3.76 -4.33 7.18
N SER A 23 4.77 -5.09 7.61
CA SER A 23 5.04 -5.26 9.02
C SER A 23 5.35 -3.93 9.69
N GLN A 24 6.21 -3.15 9.04
CA GLN A 24 6.60 -1.85 9.58
C GLN A 24 6.06 -0.72 8.70
N THR A 25 6.15 0.50 9.21
CA THR A 25 5.67 1.67 8.48
C THR A 25 6.64 2.07 7.38
N THR A 26 7.93 2.04 7.69
CA THR A 26 8.97 2.39 6.73
C THR A 26 8.83 1.58 5.45
N HIS A 27 8.38 0.34 5.58
CA HIS A 27 8.20 -0.54 4.45
C HIS A 27 7.16 0.01 3.48
N LEU A 28 6.05 0.48 4.02
CA LEU A 28 4.97 1.05 3.21
C LEU A 28 5.44 2.30 2.48
N ILE A 29 6.17 3.15 3.19
CA ILE A 29 6.69 4.39 2.61
C ILE A 29 7.44 4.11 1.31
N GLN A 30 8.36 3.15 1.36
CA GLN A 30 9.16 2.80 0.19
C GLN A 30 8.27 2.23 -0.91
N HIS A 31 7.29 1.42 -0.52
CA HIS A 31 6.38 0.82 -1.49
C HIS A 31 5.65 1.90 -2.29
N GLN A 32 5.16 2.92 -1.60
CA GLN A 32 4.44 4.01 -2.24
C GLN A 32 5.14 4.44 -3.53
N ARG A 33 6.43 4.15 -3.61
CA ARG A 33 7.22 4.50 -4.78
C ARG A 33 6.55 4.00 -6.06
N VAL A 34 6.01 2.78 -6.00
CA VAL A 34 5.35 2.19 -7.15
C VAL A 34 4.20 3.07 -7.63
N HIS A 35 3.77 4.01 -6.79
CA HIS A 35 2.69 4.91 -7.13
C HIS A 35 3.20 6.34 -7.30
N THR A 36 4.23 6.69 -6.53
CA THR A 36 4.82 8.02 -6.58
C THR A 36 4.92 8.51 -8.03
N GLY A 37 5.48 7.68 -8.90
CA GLY A 37 5.63 8.05 -10.29
C GLY A 37 6.57 9.22 -10.48
N GLU A 38 7.79 8.94 -10.90
CA GLU A 38 8.78 9.98 -11.11
C GLU A 38 8.48 10.77 -12.39
N LYS A 39 8.91 12.02 -12.43
CA LYS A 39 8.69 12.87 -13.58
C LYS A 39 9.88 13.78 -13.83
N PRO A 40 10.07 14.18 -15.10
CA PRO A 40 11.17 15.06 -15.50
C PRO A 40 11.02 16.48 -14.97
N SER A 41 9.94 16.71 -14.22
CA SER A 41 9.67 18.03 -13.65
C SER A 41 10.86 18.50 -12.81
N GLY A 42 10.85 19.79 -12.47
CA GLY A 42 11.92 20.35 -11.67
C GLY A 42 13.09 20.81 -12.52
N PRO A 43 12.97 22.00 -13.11
CA PRO A 43 14.02 22.58 -13.96
C PRO A 43 15.25 23.00 -13.17
N SER A 44 15.06 23.23 -11.87
CA SER A 44 16.16 23.64 -11.00
C SER A 44 16.17 22.81 -9.71
N SER A 45 16.80 21.64 -9.77
CA SER A 45 16.87 20.76 -8.62
C SER A 45 15.53 20.68 -7.91
N GLY A 46 14.46 20.60 -8.69
CA GLY A 46 13.12 20.52 -8.11
C GLY A 46 12.67 21.84 -7.51
ZN ZN B . 0.28 0.55 -3.11
N GLY A 1 -27.41 -14.66 11.04
CA GLY A 1 -26.78 -15.92 10.67
C GLY A 1 -25.27 -15.83 10.70
N SER A 2 -24.60 -16.80 10.09
CA SER A 2 -23.15 -16.84 10.06
C SER A 2 -22.61 -16.04 8.87
N SER A 3 -22.27 -14.78 9.12
CA SER A 3 -21.75 -13.90 8.08
C SER A 3 -20.23 -14.00 8.00
N GLY A 4 -19.56 -13.66 9.09
CA GLY A 4 -18.11 -13.72 9.13
C GLY A 4 -17.52 -12.86 10.24
N SER A 5 -16.86 -13.50 11.19
CA SER A 5 -16.25 -12.80 12.31
C SER A 5 -14.73 -12.97 12.30
N SER A 6 -14.02 -11.92 11.93
CA SER A 6 -12.56 -11.96 11.87
C SER A 6 -11.96 -11.67 13.25
N GLY A 7 -10.73 -12.14 13.46
CA GLY A 7 -10.07 -11.93 14.73
C GLY A 7 -8.65 -11.43 14.57
N THR A 8 -7.83 -12.19 13.84
CA THR A 8 -6.44 -11.81 13.61
C THR A 8 -6.32 -10.33 13.27
N GLY A 9 -7.09 -9.90 12.27
CA GLY A 9 -7.04 -8.51 11.85
C GLY A 9 -5.97 -8.24 10.81
N GLU A 10 -5.18 -7.20 11.04
CA GLU A 10 -4.12 -6.84 10.11
C GLU A 10 -3.19 -5.79 10.72
N LYS A 11 -2.13 -5.46 10.01
CA LYS A 11 -1.16 -4.48 10.48
C LYS A 11 -1.71 -3.06 10.32
N PRO A 12 -1.26 -2.14 11.18
CA PRO A 12 -1.70 -0.74 11.16
C PRO A 12 -1.15 0.00 9.95
N TYR A 13 -0.30 -0.67 9.17
CA TYR A 13 0.29 -0.06 7.98
C TYR A 13 -0.19 -0.78 6.72
N GLU A 14 -0.95 -0.06 5.90
CA GLU A 14 -1.45 -0.63 4.65
C GLU A 14 -1.44 0.41 3.53
N CYS A 15 -1.29 -0.06 2.30
CA CYS A 15 -1.25 0.82 1.14
C CYS A 15 -2.66 1.09 0.61
N LYS A 16 -3.29 2.14 1.14
CA LYS A 16 -4.64 2.51 0.72
C LYS A 16 -4.71 2.70 -0.79
N GLU A 17 -3.54 2.85 -1.41
CA GLU A 17 -3.47 3.05 -2.86
C GLU A 17 -3.80 1.76 -3.60
N CYS A 18 -3.11 0.68 -3.24
CA CYS A 18 -3.32 -0.61 -3.87
C CYS A 18 -3.95 -1.61 -2.89
N GLY A 19 -3.42 -1.62 -1.66
CA GLY A 19 -3.95 -2.52 -0.65
C GLY A 19 -2.92 -3.54 -0.20
N LYS A 20 -1.82 -3.07 0.36
CA LYS A 20 -0.76 -3.95 0.82
C LYS A 20 -0.34 -3.59 2.25
N ALA A 21 -0.40 -4.58 3.14
CA ALA A 21 -0.02 -4.36 4.53
C ALA A 21 1.44 -4.74 4.77
N PHE A 22 2.14 -3.92 5.54
CA PHE A 22 3.55 -4.18 5.85
C PHE A 22 3.78 -4.16 7.36
N SER A 23 4.67 -5.04 7.82
CA SER A 23 4.99 -5.12 9.24
C SER A 23 5.36 -3.75 9.79
N GLN A 24 6.23 -3.04 9.07
CA GLN A 24 6.66 -1.72 9.49
C GLN A 24 6.15 -0.65 8.54
N THR A 25 6.14 0.60 9.01
CA THR A 25 5.68 1.71 8.21
C THR A 25 6.65 2.01 7.07
N THR A 26 7.94 1.90 7.36
CA THR A 26 8.97 2.15 6.35
C THR A 26 8.81 1.24 5.15
N HIS A 27 8.35 0.01 5.39
CA HIS A 27 8.14 -0.95 4.32
C HIS A 27 6.97 -0.56 3.44
N LEU A 28 6.08 0.27 3.99
CA LEU A 28 4.91 0.73 3.25
C LEU A 28 5.23 1.99 2.45
N ILE A 29 5.92 2.92 3.09
CA ILE A 29 6.30 4.18 2.44
C ILE A 29 7.20 3.92 1.23
N GLN A 30 8.10 2.95 1.37
CA GLN A 30 9.03 2.61 0.30
C GLN A 30 8.27 2.17 -0.95
N HIS A 31 7.37 1.21 -0.79
CA HIS A 31 6.57 0.72 -1.90
C HIS A 31 5.74 1.82 -2.53
N GLN A 32 5.20 2.70 -1.68
CA GLN A 32 4.39 3.82 -2.16
C GLN A 32 5.08 4.55 -3.30
N ARG A 33 6.39 4.38 -3.40
CA ARG A 33 7.17 5.02 -4.45
C ARG A 33 6.65 4.64 -5.83
N VAL A 34 6.25 3.38 -5.97
CA VAL A 34 5.73 2.88 -7.24
C VAL A 34 4.41 3.56 -7.60
N HIS A 35 3.83 4.26 -6.63
CA HIS A 35 2.56 4.96 -6.85
C HIS A 35 2.80 6.42 -7.21
N THR A 36 3.95 6.94 -6.79
CA THR A 36 4.30 8.33 -7.07
C THR A 36 5.66 8.42 -7.75
N GLY A 37 5.69 8.25 -9.06
CA GLY A 37 6.92 8.32 -9.81
C GLY A 37 6.71 8.46 -11.30
N GLU A 38 6.57 7.33 -11.99
CA GLU A 38 6.36 7.34 -13.43
C GLU A 38 4.96 6.83 -13.77
N LYS A 39 3.95 7.63 -13.41
CA LYS A 39 2.57 7.27 -13.68
C LYS A 39 1.72 8.51 -13.96
N PRO A 40 0.84 8.41 -14.97
CA PRO A 40 -0.03 9.52 -15.36
C PRO A 40 -1.11 9.80 -14.32
N SER A 41 -0.85 10.79 -13.47
CA SER A 41 -1.79 11.16 -12.42
C SER A 41 -2.09 12.66 -12.46
N GLY A 42 -2.41 13.16 -13.65
CA GLY A 42 -2.71 14.57 -13.80
C GLY A 42 -1.48 15.41 -14.04
N PRO A 43 -1.67 16.63 -14.54
CA PRO A 43 -0.56 17.56 -14.81
C PRO A 43 0.10 18.07 -13.54
N SER A 44 1.08 18.95 -13.71
CA SER A 44 1.79 19.52 -12.57
C SER A 44 2.10 18.45 -11.53
N SER A 45 2.59 17.30 -12.00
CA SER A 45 2.92 16.18 -11.11
C SER A 45 3.67 16.68 -9.88
N GLY A 46 4.70 17.49 -10.11
CA GLY A 46 5.49 18.01 -9.00
C GLY A 46 6.61 17.09 -8.61
ZN ZN B . 0.65 0.38 -3.19
N GLY A 1 -17.84 -5.51 7.39
CA GLY A 1 -18.87 -6.41 6.89
C GLY A 1 -19.92 -6.73 7.93
N SER A 2 -19.53 -7.46 8.96
CA SER A 2 -20.45 -7.84 10.04
C SER A 2 -20.14 -7.07 11.31
N SER A 3 -21.15 -6.89 12.15
CA SER A 3 -20.99 -6.17 13.40
C SER A 3 -20.42 -7.08 14.49
N GLY A 4 -19.17 -6.81 14.87
CA GLY A 4 -18.52 -7.61 15.89
C GLY A 4 -17.73 -8.76 15.31
N SER A 5 -17.04 -8.50 14.20
CA SER A 5 -16.24 -9.52 13.54
C SER A 5 -15.07 -9.95 14.42
N SER A 6 -14.76 -11.24 14.39
CA SER A 6 -13.67 -11.78 15.19
C SER A 6 -12.82 -12.75 14.37
N GLY A 7 -11.52 -12.75 14.62
CA GLY A 7 -10.62 -13.62 13.90
C GLY A 7 -9.49 -12.88 13.22
N THR A 8 -9.05 -13.38 12.07
CA THR A 8 -7.96 -12.75 11.33
C THR A 8 -8.05 -11.23 11.42
N GLY A 9 -7.04 -10.62 12.05
CA GLY A 9 -7.01 -9.18 12.19
C GLY A 9 -6.51 -8.47 10.95
N GLU A 10 -5.95 -7.29 11.13
CA GLU A 10 -5.43 -6.51 10.00
C GLU A 10 -4.29 -5.60 10.46
N LYS A 11 -3.13 -5.74 9.82
CA LYS A 11 -1.96 -4.93 10.16
C LYS A 11 -2.35 -3.46 10.31
N PRO A 12 -1.71 -2.77 11.26
CA PRO A 12 -1.95 -1.35 11.51
C PRO A 12 -1.46 -0.46 10.38
N TYR A 13 -0.83 -1.06 9.38
CA TYR A 13 -0.30 -0.33 8.24
C TYR A 13 -0.72 -0.98 6.93
N GLU A 14 -1.32 -0.19 6.05
CA GLU A 14 -1.78 -0.69 4.76
C GLU A 14 -1.77 0.42 3.72
N CYS A 15 -1.46 0.05 2.47
CA CYS A 15 -1.42 1.03 1.39
C CYS A 15 -2.82 1.32 0.87
N LYS A 16 -3.27 2.55 1.08
CA LYS A 16 -4.61 2.97 0.64
C LYS A 16 -4.59 3.37 -0.83
N GLU A 17 -3.79 2.67 -1.63
CA GLU A 17 -3.68 2.96 -3.05
C GLU A 17 -3.95 1.71 -3.88
N CYS A 18 -3.43 0.57 -3.42
CA CYS A 18 -3.61 -0.69 -4.12
C CYS A 18 -4.10 -1.78 -3.17
N GLY A 19 -3.57 -1.77 -1.95
CA GLY A 19 -3.96 -2.76 -0.96
C GLY A 19 -2.81 -3.66 -0.56
N LYS A 20 -1.88 -3.13 0.22
CA LYS A 20 -0.73 -3.90 0.67
C LYS A 20 -0.37 -3.54 2.12
N ALA A 21 -0.20 -4.57 2.94
CA ALA A 21 0.16 -4.36 4.35
C ALA A 21 1.65 -4.53 4.57
N PHE A 22 2.20 -3.74 5.48
CA PHE A 22 3.63 -3.81 5.78
C PHE A 22 3.86 -3.83 7.29
N SER A 23 4.65 -4.81 7.74
CA SER A 23 4.94 -4.95 9.16
C SER A 23 5.55 -3.66 9.72
N GLN A 24 6.40 -3.03 8.93
CA GLN A 24 7.05 -1.80 9.33
C GLN A 24 6.54 -0.61 8.53
N THR A 25 6.51 0.56 9.15
CA THR A 25 6.04 1.77 8.50
C THR A 25 6.89 2.11 7.27
N THR A 26 8.20 2.13 7.46
CA THR A 26 9.13 2.43 6.37
C THR A 26 8.88 1.54 5.18
N HIS A 27 8.66 0.25 5.43
CA HIS A 27 8.41 -0.72 4.37
C HIS A 27 7.18 -0.32 3.56
N LEU A 28 6.26 0.39 4.19
CA LEU A 28 5.05 0.84 3.53
C LEU A 28 5.31 2.07 2.67
N ILE A 29 6.18 2.94 3.16
CA ILE A 29 6.53 4.16 2.43
C ILE A 29 7.31 3.85 1.17
N GLN A 30 8.25 2.90 1.27
CA GLN A 30 9.06 2.50 0.14
C GLN A 30 8.20 2.03 -1.02
N HIS A 31 7.22 1.17 -0.72
CA HIS A 31 6.33 0.65 -1.73
C HIS A 31 5.58 1.78 -2.44
N GLN A 32 5.19 2.80 -1.67
CA GLN A 32 4.48 3.94 -2.22
C GLN A 32 5.19 4.50 -3.44
N ARG A 33 6.49 4.24 -3.52
CA ARG A 33 7.30 4.73 -4.64
C ARG A 33 6.72 4.25 -5.97
N VAL A 34 6.08 3.08 -5.94
CA VAL A 34 5.48 2.50 -7.15
C VAL A 34 4.25 3.29 -7.57
N HIS A 35 3.81 4.21 -6.72
CA HIS A 35 2.63 5.03 -7.01
C HIS A 35 3.04 6.48 -7.29
N THR A 36 4.24 6.84 -6.86
CA THR A 36 4.75 8.20 -7.07
C THR A 36 5.11 8.43 -8.53
N GLY A 37 5.97 7.56 -9.06
CA GLY A 37 6.39 7.69 -10.44
C GLY A 37 7.86 7.37 -10.63
N GLU A 38 8.22 6.10 -10.51
CA GLU A 38 9.60 5.67 -10.66
C GLU A 38 9.86 5.17 -12.08
N LYS A 39 9.61 6.04 -13.06
CA LYS A 39 9.81 5.70 -14.46
C LYS A 39 10.74 6.71 -15.14
N PRO A 40 11.54 6.22 -16.10
CA PRO A 40 12.49 7.06 -16.84
C PRO A 40 11.79 8.05 -17.78
N SER A 41 10.46 8.03 -17.75
CA SER A 41 9.67 8.91 -18.60
C SER A 41 8.23 8.99 -18.11
N GLY A 42 7.51 10.01 -18.56
CA GLY A 42 6.13 10.19 -18.15
C GLY A 42 5.83 11.59 -17.67
N PRO A 43 4.60 12.07 -17.93
CA PRO A 43 4.18 13.40 -17.52
C PRO A 43 4.01 13.52 -16.00
N SER A 44 4.91 14.27 -15.37
CA SER A 44 4.86 14.46 -13.93
C SER A 44 5.17 15.91 -13.56
N SER A 45 4.87 16.28 -12.31
CA SER A 45 5.12 17.63 -11.83
C SER A 45 6.57 18.03 -12.06
N GLY A 46 7.48 17.30 -11.44
CA GLY A 46 8.90 17.59 -11.58
C GLY A 46 9.77 16.37 -11.39
ZN ZN B . 0.24 0.52 -3.15
N GLY A 1 -21.46 -15.82 -3.53
CA GLY A 1 -20.37 -15.41 -2.66
C GLY A 1 -20.19 -16.34 -1.48
N SER A 2 -19.75 -15.79 -0.36
CA SER A 2 -19.52 -16.58 0.85
C SER A 2 -18.80 -17.87 0.52
N SER A 3 -17.79 -17.78 -0.34
CA SER A 3 -17.02 -18.96 -0.74
C SER A 3 -15.87 -19.21 0.23
N GLY A 4 -16.21 -19.68 1.43
CA GLY A 4 -15.20 -19.96 2.42
C GLY A 4 -14.40 -18.73 2.80
N SER A 5 -14.63 -18.20 4.00
CA SER A 5 -13.93 -17.02 4.47
C SER A 5 -12.46 -17.33 4.73
N SER A 6 -11.61 -16.33 4.58
CA SER A 6 -10.18 -16.49 4.80
C SER A 6 -9.70 -15.62 5.96
N GLY A 7 -8.77 -16.15 6.75
CA GLY A 7 -8.26 -15.41 7.89
C GLY A 7 -6.76 -15.19 7.79
N THR A 8 -6.36 -14.05 7.22
CA THR A 8 -4.96 -13.73 7.06
C THR A 8 -4.48 -12.81 8.18
N GLY A 9 -5.33 -11.86 8.58
CA GLY A 9 -4.98 -10.94 9.64
C GLY A 9 -4.51 -9.60 9.11
N GLU A 10 -5.35 -8.58 9.24
CA GLU A 10 -5.02 -7.25 8.76
C GLU A 10 -3.84 -6.67 9.54
N LYS A 11 -3.36 -5.51 9.11
CA LYS A 11 -2.24 -4.85 9.77
C LYS A 11 -2.52 -3.37 9.97
N PRO A 12 -1.84 -2.78 10.97
CA PRO A 12 -2.00 -1.35 11.28
C PRO A 12 -1.42 -0.44 10.21
N TYR A 13 -0.87 -1.05 9.16
CA TYR A 13 -0.28 -0.30 8.07
C TYR A 13 -0.59 -0.96 6.73
N GLU A 14 -1.39 -0.28 5.91
CA GLU A 14 -1.77 -0.80 4.60
C GLU A 14 -1.79 0.31 3.56
N CYS A 15 -1.17 0.06 2.41
CA CYS A 15 -1.12 1.04 1.33
C CYS A 15 -2.53 1.35 0.81
N LYS A 16 -2.92 2.61 0.92
CA LYS A 16 -4.24 3.03 0.47
C LYS A 16 -4.22 3.36 -1.03
N GLU A 17 -3.31 2.71 -1.75
CA GLU A 17 -3.19 2.93 -3.19
C GLU A 17 -3.51 1.66 -3.95
N CYS A 18 -3.16 0.51 -3.38
CA CYS A 18 -3.41 -0.78 -4.01
C CYS A 18 -4.07 -1.74 -3.03
N GLY A 19 -3.52 -1.82 -1.82
CA GLY A 19 -4.06 -2.70 -0.81
C GLY A 19 -3.01 -3.59 -0.18
N LYS A 20 -1.77 -3.12 -0.18
CA LYS A 20 -0.66 -3.87 0.39
C LYS A 20 -0.54 -3.59 1.89
N ALA A 21 0.14 -4.49 2.60
CA ALA A 21 0.33 -4.34 4.04
C ALA A 21 1.79 -4.54 4.41
N PHE A 22 2.26 -3.75 5.37
CA PHE A 22 3.65 -3.83 5.82
C PHE A 22 3.74 -3.69 7.33
N SER A 23 4.38 -4.66 7.98
CA SER A 23 4.53 -4.64 9.43
C SER A 23 5.26 -3.38 9.88
N GLN A 24 6.20 -2.92 9.07
CA GLN A 24 6.97 -1.73 9.40
C GLN A 24 6.51 -0.53 8.55
N THR A 25 6.64 0.66 9.11
CA THR A 25 6.24 1.88 8.42
C THR A 25 7.11 2.12 7.19
N THR A 26 8.42 2.15 7.39
CA THR A 26 9.35 2.39 6.30
C THR A 26 9.07 1.44 5.13
N HIS A 27 8.60 0.25 5.44
CA HIS A 27 8.29 -0.74 4.41
C HIS A 27 7.08 -0.31 3.59
N LEU A 28 6.20 0.48 4.21
CA LEU A 28 5.00 0.97 3.53
C LEU A 28 5.32 2.19 2.67
N ILE A 29 6.33 2.94 3.07
CA ILE A 29 6.74 4.14 2.33
C ILE A 29 7.51 3.76 1.07
N GLN A 30 8.40 2.78 1.20
CA GLN A 30 9.20 2.33 0.07
C GLN A 30 8.31 1.85 -1.07
N HIS A 31 7.33 1.02 -0.74
CA HIS A 31 6.41 0.49 -1.74
C HIS A 31 5.55 1.60 -2.35
N GLN A 32 5.15 2.55 -1.51
CA GLN A 32 4.34 3.67 -1.96
C GLN A 32 4.96 4.34 -3.18
N ARG A 33 6.27 4.21 -3.31
CA ARG A 33 6.99 4.80 -4.43
C ARG A 33 6.40 4.35 -5.77
N VAL A 34 5.81 3.16 -5.76
CA VAL A 34 5.20 2.59 -6.96
C VAL A 34 3.96 3.38 -7.37
N HIS A 35 3.43 4.16 -6.44
CA HIS A 35 2.25 4.97 -6.70
C HIS A 35 2.57 6.46 -6.61
N THR A 36 3.67 6.78 -5.92
CA THR A 36 4.08 8.16 -5.76
C THR A 36 5.26 8.50 -6.66
N GLY A 37 5.08 8.28 -7.97
CA GLY A 37 6.14 8.56 -8.92
C GLY A 37 6.10 9.98 -9.42
N GLU A 38 7.28 10.57 -9.61
CA GLU A 38 7.38 11.95 -10.09
C GLU A 38 7.94 12.00 -11.51
N LYS A 39 7.26 12.72 -12.38
CA LYS A 39 7.69 12.85 -13.77
C LYS A 39 8.40 14.18 -14.00
N PRO A 40 9.43 14.16 -14.86
CA PRO A 40 10.21 15.34 -15.18
C PRO A 40 9.42 16.36 -16.01
N SER A 41 8.24 15.95 -16.46
CA SER A 41 7.39 16.82 -17.26
C SER A 41 6.74 17.89 -16.40
N GLY A 42 6.65 19.10 -16.94
CA GLY A 42 6.04 20.20 -16.20
C GLY A 42 4.56 20.32 -16.45
N PRO A 43 4.20 20.96 -17.57
CA PRO A 43 2.79 21.16 -17.96
C PRO A 43 2.11 19.86 -18.36
N SER A 44 0.90 19.64 -17.86
CA SER A 44 0.15 18.44 -18.17
C SER A 44 -1.33 18.76 -18.42
N SER A 45 -1.88 18.20 -19.49
CA SER A 45 -3.26 18.44 -19.85
C SER A 45 -3.81 17.28 -20.68
N GLY A 46 -5.12 17.32 -20.95
CA GLY A 46 -5.75 16.27 -21.73
C GLY A 46 -7.24 16.18 -21.49
ZN ZN B . 0.41 0.15 -3.04
N GLY A 1 -22.46 -25.05 2.92
CA GLY A 1 -21.57 -26.00 2.28
C GLY A 1 -20.12 -25.59 2.36
N SER A 2 -19.49 -25.43 1.20
CA SER A 2 -18.08 -25.04 1.13
C SER A 2 -17.91 -23.58 1.56
N SER A 3 -17.34 -23.38 2.74
CA SER A 3 -17.12 -22.04 3.26
C SER A 3 -15.72 -21.54 2.91
N GLY A 4 -15.60 -20.23 2.71
CA GLY A 4 -14.32 -19.65 2.37
C GLY A 4 -13.76 -18.77 3.47
N SER A 5 -12.46 -18.50 3.42
CA SER A 5 -11.81 -17.68 4.41
C SER A 5 -10.95 -16.60 3.77
N SER A 6 -11.36 -15.34 3.93
CA SER A 6 -10.63 -14.22 3.36
C SER A 6 -10.40 -13.13 4.40
N GLY A 7 -9.14 -12.98 4.81
CA GLY A 7 -8.80 -11.97 5.80
C GLY A 7 -7.32 -11.94 6.10
N THR A 8 -6.60 -11.06 5.40
CA THR A 8 -5.16 -10.93 5.59
C THR A 8 -4.75 -9.46 5.66
N GLY A 9 -3.82 -9.15 6.55
CA GLY A 9 -3.35 -7.78 6.70
C GLY A 9 -3.93 -7.10 7.92
N GLU A 10 -3.53 -7.56 9.10
CA GLU A 10 -4.02 -6.98 10.35
C GLU A 10 -3.06 -5.91 10.87
N LYS A 11 -2.00 -5.66 10.10
CA LYS A 11 -1.01 -4.66 10.48
C LYS A 11 -1.58 -3.25 10.39
N PRO A 12 -1.14 -2.37 11.29
CA PRO A 12 -1.60 -0.98 11.34
C PRO A 12 -1.09 -0.17 10.15
N TYR A 13 -0.38 -0.83 9.25
CA TYR A 13 0.17 -0.16 8.07
C TYR A 13 -0.30 -0.86 6.79
N GLU A 14 -0.96 -0.10 5.92
CA GLU A 14 -1.46 -0.65 4.66
C GLU A 14 -1.52 0.43 3.59
N CYS A 15 -1.15 0.07 2.37
CA CYS A 15 -1.16 1.00 1.25
C CYS A 15 -2.58 1.20 0.71
N LYS A 16 -3.35 2.04 1.39
CA LYS A 16 -4.72 2.32 0.98
C LYS A 16 -4.80 2.58 -0.51
N GLU A 17 -3.67 2.95 -1.11
CA GLU A 17 -3.61 3.24 -2.54
C GLU A 17 -4.01 2.01 -3.35
N CYS A 18 -3.27 0.92 -3.18
CA CYS A 18 -3.54 -0.32 -3.89
C CYS A 18 -4.03 -1.40 -2.93
N GLY A 19 -3.43 -1.46 -1.75
CA GLY A 19 -3.81 -2.45 -0.77
C GLY A 19 -2.66 -3.39 -0.42
N LYS A 20 -1.69 -2.88 0.33
CA LYS A 20 -0.54 -3.67 0.73
C LYS A 20 -0.17 -3.41 2.19
N ALA A 21 -0.27 -4.43 3.02
CA ALA A 21 0.05 -4.30 4.44
C ALA A 21 1.49 -4.72 4.71
N PHE A 22 2.20 -3.89 5.47
CA PHE A 22 3.60 -4.16 5.81
C PHE A 22 3.80 -4.18 7.32
N SER A 23 4.76 -4.98 7.78
CA SER A 23 5.06 -5.10 9.20
C SER A 23 5.54 -3.76 9.76
N GLN A 24 6.37 -3.06 8.99
CA GLN A 24 6.90 -1.78 9.41
C GLN A 24 6.39 -0.66 8.51
N THR A 25 6.11 0.49 9.12
CA THR A 25 5.60 1.65 8.38
C THR A 25 6.50 1.97 7.18
N THR A 26 7.81 1.88 7.40
CA THR A 26 8.77 2.16 6.34
C THR A 26 8.53 1.28 5.12
N HIS A 27 8.23 0.00 5.37
CA HIS A 27 7.97 -0.95 4.30
C HIS A 27 6.79 -0.50 3.45
N LEU A 28 5.94 0.34 4.02
CA LEU A 28 4.77 0.84 3.32
C LEU A 28 5.11 2.10 2.52
N ILE A 29 5.81 3.03 3.16
CA ILE A 29 6.20 4.27 2.51
C ILE A 29 7.12 4.00 1.31
N GLN A 30 7.98 3.00 1.45
CA GLN A 30 8.91 2.64 0.39
C GLN A 30 8.16 2.21 -0.86
N HIS A 31 7.23 1.26 -0.69
CA HIS A 31 6.44 0.75 -1.80
C HIS A 31 5.67 1.88 -2.48
N GLN A 32 5.11 2.78 -1.68
CA GLN A 32 4.34 3.90 -2.20
C GLN A 32 5.05 4.52 -3.41
N ARG A 33 6.37 4.35 -3.48
CA ARG A 33 7.15 4.89 -4.57
C ARG A 33 6.64 4.40 -5.92
N VAL A 34 6.32 3.10 -5.98
CA VAL A 34 5.81 2.50 -7.20
C VAL A 34 4.62 3.28 -7.75
N HIS A 35 3.97 4.05 -6.88
CA HIS A 35 2.82 4.85 -7.27
C HIS A 35 3.25 6.23 -7.75
N THR A 36 4.32 6.75 -7.15
CA THR A 36 4.85 8.06 -7.51
C THR A 36 6.17 7.95 -8.24
N GLY A 37 6.28 6.94 -9.11
CA GLY A 37 7.50 6.74 -9.87
C GLY A 37 7.69 7.79 -10.95
N GLU A 38 8.93 7.98 -11.37
CA GLU A 38 9.24 8.96 -12.41
C GLU A 38 9.20 8.32 -13.79
N LYS A 39 8.12 7.60 -14.07
CA LYS A 39 7.96 6.92 -15.36
C LYS A 39 6.89 7.62 -16.20
N PRO A 40 7.23 8.81 -16.72
CA PRO A 40 6.30 9.59 -17.56
C PRO A 40 6.07 8.95 -18.92
N SER A 41 4.79 8.72 -19.24
CA SER A 41 4.42 8.11 -20.51
C SER A 41 3.64 9.08 -21.37
N GLY A 42 3.84 9.01 -22.69
CA GLY A 42 3.14 9.90 -23.60
C GLY A 42 4.05 10.47 -24.68
N PRO A 43 4.28 9.68 -25.74
CA PRO A 43 5.13 10.09 -26.86
C PRO A 43 4.51 11.21 -27.68
N SER A 44 3.25 11.52 -27.40
CA SER A 44 2.54 12.57 -28.11
C SER A 44 3.38 13.84 -28.20
N SER A 45 3.90 14.28 -27.06
CA SER A 45 4.72 15.49 -27.00
C SER A 45 6.16 15.14 -26.64
N GLY A 46 6.33 14.28 -25.64
CA GLY A 46 7.66 13.87 -25.22
C GLY A 46 8.55 13.51 -26.39
ZN ZN B . 0.46 0.57 -3.20
N GLY A 1 -16.73 -14.81 3.56
CA GLY A 1 -15.48 -15.55 3.64
C GLY A 1 -15.61 -16.83 4.43
N SER A 2 -15.31 -17.96 3.80
CA SER A 2 -15.41 -19.26 4.46
C SER A 2 -14.04 -19.70 4.98
N SER A 3 -13.08 -19.87 4.07
CA SER A 3 -11.74 -20.30 4.44
C SER A 3 -11.01 -19.18 5.20
N GLY A 4 -10.62 -19.47 6.44
CA GLY A 4 -9.92 -18.50 7.24
C GLY A 4 -8.75 -19.09 7.99
N SER A 5 -7.55 -18.65 7.66
CA SER A 5 -6.34 -19.15 8.30
C SER A 5 -6.19 -18.56 9.71
N SER A 6 -6.43 -17.27 9.83
CA SER A 6 -6.32 -16.59 11.11
C SER A 6 -4.88 -16.61 11.62
N GLY A 7 -3.94 -16.39 10.71
CA GLY A 7 -2.53 -16.40 11.09
C GLY A 7 -1.66 -15.66 10.09
N THR A 8 -1.85 -14.35 9.99
CA THR A 8 -1.07 -13.54 9.06
C THR A 8 -0.18 -12.55 9.81
N GLY A 9 -0.76 -11.86 10.79
CA GLY A 9 0.01 -10.90 11.56
C GLY A 9 -0.64 -9.54 11.57
N GLU A 10 -0.51 -8.83 12.70
CA GLU A 10 -1.09 -7.50 12.84
C GLU A 10 -0.26 -6.46 12.09
N LYS A 11 -0.85 -5.85 11.08
CA LYS A 11 -0.18 -4.84 10.29
C LYS A 11 -1.06 -3.60 10.09
N PRO A 12 -0.98 -2.67 11.05
CA PRO A 12 -1.76 -1.43 11.00
C PRO A 12 -1.30 -0.49 9.89
N TYR A 13 -0.32 -0.93 9.11
CA TYR A 13 0.21 -0.13 8.02
C TYR A 13 -0.10 -0.78 6.68
N GLU A 14 -0.95 -0.11 5.89
CA GLU A 14 -1.34 -0.61 4.59
C GLU A 14 -1.41 0.52 3.57
N CYS A 15 -1.27 0.17 2.29
CA CYS A 15 -1.31 1.16 1.22
C CYS A 15 -2.74 1.47 0.82
N LYS A 16 -3.12 2.74 0.90
CA LYS A 16 -4.47 3.16 0.55
C LYS A 16 -4.56 3.49 -0.94
N GLU A 17 -3.81 2.74 -1.76
CA GLU A 17 -3.81 2.95 -3.20
C GLU A 17 -4.10 1.64 -3.94
N CYS A 18 -3.56 0.55 -3.42
CA CYS A 18 -3.76 -0.76 -4.02
C CYS A 18 -4.28 -1.77 -3.00
N GLY A 19 -3.72 -1.72 -1.79
CA GLY A 19 -4.15 -2.62 -0.74
C GLY A 19 -3.06 -3.60 -0.35
N LYS A 20 -2.00 -3.08 0.26
CA LYS A 20 -0.89 -3.92 0.69
C LYS A 20 -0.47 -3.57 2.12
N ALA A 21 -0.50 -4.57 2.99
CA ALA A 21 -0.12 -4.38 4.39
C ALA A 21 1.34 -4.74 4.63
N PHE A 22 2.02 -3.93 5.44
CA PHE A 22 3.42 -4.16 5.74
C PHE A 22 3.67 -4.16 7.24
N SER A 23 4.61 -4.98 7.68
CA SER A 23 4.94 -5.07 9.11
C SER A 23 5.96 -4.01 9.50
N GLN A 24 6.41 -3.24 8.52
CA GLN A 24 7.39 -2.19 8.75
C GLN A 24 6.90 -0.86 8.18
N THR A 25 6.69 0.12 9.07
CA THR A 25 6.23 1.44 8.66
C THR A 25 7.01 1.94 7.45
N THR A 26 8.33 1.87 7.53
CA THR A 26 9.18 2.32 6.44
C THR A 26 8.84 1.61 5.15
N HIS A 27 8.46 0.34 5.26
CA HIS A 27 8.09 -0.47 4.09
C HIS A 27 6.92 0.16 3.35
N LEU A 28 5.90 0.55 4.09
CA LEU A 28 4.71 1.17 3.50
C LEU A 28 5.07 2.46 2.78
N ILE A 29 5.81 3.33 3.47
CA ILE A 29 6.22 4.61 2.89
C ILE A 29 7.05 4.39 1.63
N GLN A 30 7.94 3.42 1.67
CA GLN A 30 8.80 3.12 0.52
C GLN A 30 8.00 2.44 -0.59
N HIS A 31 6.99 1.67 -0.20
CA HIS A 31 6.14 0.98 -1.17
C HIS A 31 5.41 1.98 -2.07
N GLN A 32 4.83 3.01 -1.46
CA GLN A 32 4.10 4.02 -2.20
C GLN A 32 4.90 4.50 -3.41
N ARG A 33 6.23 4.33 -3.33
CA ARG A 33 7.10 4.74 -4.42
C ARG A 33 6.71 4.08 -5.73
N VAL A 34 6.39 2.78 -5.65
CA VAL A 34 5.99 2.03 -6.84
C VAL A 34 4.82 2.69 -7.55
N HIS A 35 4.04 3.47 -6.80
CA HIS A 35 2.89 4.16 -7.35
C HIS A 35 3.29 5.51 -7.93
N THR A 36 4.60 5.72 -8.10
CA THR A 36 5.11 6.97 -8.64
C THR A 36 4.85 7.07 -10.13
N GLY A 37 5.06 5.97 -10.85
CA GLY A 37 4.85 5.95 -12.28
C GLY A 37 3.38 5.98 -12.65
N GLU A 38 3.07 6.39 -13.87
CA GLU A 38 1.70 6.46 -14.34
C GLU A 38 1.27 5.13 -14.97
N LYS A 39 1.07 4.12 -14.13
CA LYS A 39 0.66 2.80 -14.59
C LYS A 39 -0.14 2.06 -13.53
N PRO A 40 -1.19 1.35 -13.96
CA PRO A 40 -2.06 0.59 -13.06
C PRO A 40 -1.35 -0.62 -12.46
N SER A 41 -0.15 -0.90 -12.94
CA SER A 41 0.63 -2.03 -12.45
C SER A 41 0.62 -2.08 -10.93
N GLY A 42 0.15 -3.20 -10.38
CA GLY A 42 0.10 -3.35 -8.93
C GLY A 42 -0.71 -4.56 -8.51
N PRO A 43 -0.29 -5.21 -7.42
CA PRO A 43 -0.96 -6.39 -6.89
C PRO A 43 -2.32 -6.06 -6.27
N SER A 44 -3.35 -6.75 -6.73
CA SER A 44 -4.71 -6.53 -6.23
C SER A 44 -5.00 -7.42 -5.03
N SER A 45 -4.68 -8.71 -5.18
CA SER A 45 -4.92 -9.68 -4.12
C SER A 45 -4.06 -9.36 -2.90
N GLY A 46 -4.40 -9.97 -1.76
CA GLY A 46 -3.65 -9.73 -0.54
C GLY A 46 -4.54 -9.29 0.60
ZN ZN B . 0.23 0.42 -3.14
#